data_8ZWP
#
_entry.id   8ZWP
#
_cell.length_a   47.646
_cell.length_b   86.360
_cell.length_c   87.187
_cell.angle_alpha   90.000
_cell.angle_beta   95.470
_cell.angle_gamma   90.000
#
_symmetry.space_group_name_H-M   'P 1 21 1'
#
loop_
_entity.id
_entity.type
_entity.pdbx_description
1 polymer 'Beta-1,3-galactosyltransferase 5'
2 branched 2-acetamido-2-deoxy-beta-D-galactopyranose-(1-3)-alpha-D-galactopyranose-(1-4)-beta-D-galactopyranose-(1-4)-beta-D-glucopyranose
3 branched 2-acetamido-2-deoxy-beta-D-glucopyranose-(1-4)-2-acetamido-2-deoxy-beta-D-glucopyranose
4 branched 2-acetamido-2-deoxy-beta-D-glucopyranose-(1-4)-[alpha-L-fucopyranose-(1-6)]2-acetamido-2-deoxy-beta-D-glucopyranose
5 branched alpha-D-mannopyranose-(1-3)-[alpha-D-mannopyranose-(1-6)]beta-D-mannopyranose-(1-4)-2-acetamido-2-deoxy-beta-D-glucopyranose-(1-4)-[alpha-L-fucopyranose-(1-6)]2-acetamido-2-deoxy-beta-D-glucopyranose
6 non-polymer 'MANGANESE (II) ION'
7 non-polymer "URIDINE-5'-DIPHOSPHATE"
8 non-polymer 2-[3-(2-HYDROXY-1,1-DIHYDROXYMETHYL-ETHYLAMINO)-PROPYLAMINO]-2-HYDROXYMETHYL-PROPANE-1,3-DIOL
9 non-polymer 2-acetamido-2-deoxy-beta-D-glucopyranose
10 water water
#
_entity_poly.entity_id   1
_entity_poly.type   'polypeptide(L)'
_entity_poly.pdbx_seq_one_letter_code
;FKEQSFVYKKDGNFLKLPDTDCRQTPPFLVLLVTSSHKQLAERMAIRQTWGKERMVKGKQLKTFFLLGTTSSAAETKEVD
QESQRHGDIIQKDFLDVYYNLTLKTMMGIEWVHRFCPQAAFVMKTDSDMFINVDYLTELLLKKNRTTRFFTGFLKLNEFP
IRQPFSKWFVSKSEYPWDRYPPFCSGTGYVFSGDVASQVYNVSKSVPYIKLEDVFVGLCLERLNIRLEELHSQPTFFPGG
LRFSVCLFRRIVACHFIKPRTLLDYWQALENSRGEDCP
;
_entity_poly.pdbx_strand_id   A,B
#
loop_
_chem_comp.id
_chem_comp.type
_chem_comp.name
_chem_comp.formula
B3P non-polymer 2-[3-(2-HYDROXY-1,1-DIHYDROXYMETHYL-ETHYLAMINO)-PROPYLAMINO]-2-HYDROXYMETHYL-PROPANE-1,3-DIOL 'C11 H26 N2 O6'
BGC D-saccharide, beta linking beta-D-glucopyranose 'C6 H12 O6'
BMA D-saccharide, beta linking beta-D-mannopyranose 'C6 H12 O6'
FUC L-saccharide, alpha linking alpha-L-fucopyranose 'C6 H12 O5'
GAL D-saccharide, beta linking beta-D-galactopyranose 'C6 H12 O6'
GLA D-saccharide, alpha linking alpha-D-galactopyranose 'C6 H12 O6'
MAN D-saccharide, alpha linking alpha-D-mannopyranose 'C6 H12 O6'
MN non-polymer 'MANGANESE (II) ION' 'Mn 2'
NAG D-saccharide, beta linking 2-acetamido-2-deoxy-beta-D-glucopyranose 'C8 H15 N O6'
NGA D-saccharide, beta linking 2-acetamido-2-deoxy-beta-D-galactopyranose 'C8 H15 N O6'
UDP RNA linking URIDINE-5'-DIPHOSPHATE 'C9 H14 N2 O12 P2'
#
# COMPACT_ATOMS: atom_id res chain seq x y z
N GLY A 12 -2.23 8.42 -12.78
CA GLY A 12 -1.37 8.31 -13.95
C GLY A 12 -0.48 7.09 -13.99
N ASN A 13 -1.05 5.94 -13.62
CA ASN A 13 -0.38 4.65 -13.81
C ASN A 13 0.59 4.34 -12.67
N PHE A 14 0.30 4.77 -11.44
CA PHE A 14 1.24 4.60 -10.34
C PHE A 14 1.01 3.24 -9.70
N LEU A 15 2.10 2.49 -9.45
CA LEU A 15 1.99 1.23 -8.75
C LEU A 15 1.92 1.42 -7.24
N LYS A 16 2.62 2.43 -6.72
CA LYS A 16 2.56 2.78 -5.31
C LYS A 16 2.37 4.28 -5.15
N LEU A 17 1.47 4.66 -4.25
CA LEU A 17 1.19 6.05 -3.93
C LEU A 17 1.32 6.22 -2.42
N PRO A 18 2.04 7.24 -1.94
CA PRO A 18 2.13 7.45 -0.48
C PRO A 18 0.79 7.80 0.14
N ASP A 19 0.60 7.31 1.38
CA ASP A 19 -0.59 7.54 2.16
C ASP A 19 -0.52 8.94 2.75
N THR A 20 -0.79 9.93 1.91
CA THR A 20 -0.70 11.31 2.33
C THR A 20 -1.76 12.08 1.57
N ASP A 21 -2.26 13.14 2.18
CA ASP A 21 -3.35 13.98 1.64
C ASP A 21 -2.95 15.45 1.69
N CYS A 22 -2.35 15.94 0.60
CA CYS A 22 -1.86 17.31 0.58
C CYS A 22 -2.95 18.36 0.57
N ARG A 23 -4.17 18.00 0.15
CA ARG A 23 -5.26 18.97 0.22
C ARG A 23 -5.62 19.26 1.67
N GLN A 24 -5.72 18.20 2.48
CA GLN A 24 -6.02 18.37 3.90
C GLN A 24 -4.91 19.13 4.60
N THR A 25 -3.66 18.67 4.44
CA THR A 25 -2.49 19.26 5.09
C THR A 25 -1.43 19.60 4.05
N PRO A 26 -1.53 20.78 3.42
CA PRO A 26 -0.53 21.17 2.41
C PRO A 26 0.87 21.19 3.02
N PRO A 27 1.81 20.45 2.45
CA PRO A 27 3.17 20.48 2.99
C PRO A 27 3.88 21.77 2.60
N PHE A 28 4.79 22.22 3.47
CA PHE A 28 5.63 23.33 3.09
C PHE A 28 6.77 22.85 2.22
N LEU A 29 7.36 21.71 2.58
CA LEU A 29 8.47 21.18 1.80
C LEU A 29 8.27 19.69 1.61
N VAL A 30 8.34 19.25 0.36
CA VAL A 30 8.29 17.84 0.02
C VAL A 30 9.66 17.45 -0.51
N LEU A 31 10.26 16.43 0.08
CA LEU A 31 11.52 15.86 -0.40
C LEU A 31 11.20 14.62 -1.21
N LEU A 32 11.72 14.57 -2.45
CA LEU A 32 11.61 13.42 -3.32
C LEU A 32 13.02 12.86 -3.49
N VAL A 33 13.26 11.65 -2.95
CA VAL A 33 14.61 11.09 -2.87
C VAL A 33 14.72 9.95 -3.88
N THR A 34 15.72 10.03 -4.75
CA THR A 34 15.99 8.94 -5.67
C THR A 34 16.93 7.91 -5.03
N SER A 35 16.62 6.63 -5.24
CA SER A 35 17.50 5.56 -4.82
C SER A 35 17.07 4.30 -5.58
N SER A 36 18.01 3.36 -5.71
CA SER A 36 17.70 2.11 -6.37
C SER A 36 17.13 1.11 -5.35
N HIS A 37 16.57 0.00 -5.85
CA HIS A 37 15.89 -0.95 -4.96
C HIS A 37 16.79 -1.47 -3.85
N LYS A 38 18.04 -1.80 -4.19
CA LYS A 38 18.94 -2.41 -3.20
C LYS A 38 19.39 -1.41 -2.14
N GLN A 39 19.22 -0.11 -2.37
CA GLN A 39 19.73 0.92 -1.45
C GLN A 39 18.82 1.14 -0.25
N LEU A 40 18.34 0.06 0.36
CA LEU A 40 17.51 0.19 1.57
C LEU A 40 18.28 0.88 2.71
N ALA A 41 19.57 0.59 2.85
CA ALA A 41 20.33 1.23 3.93
C ALA A 41 20.31 2.75 3.79
N GLU A 42 20.47 3.25 2.55
CA GLU A 42 20.36 4.67 2.29
C GLU A 42 19.02 5.22 2.77
N ARG A 43 17.93 4.57 2.35
CA ARG A 43 16.61 5.09 2.68
C ARG A 43 16.36 5.04 4.18
N MET A 44 16.80 3.98 4.85
CA MET A 44 16.61 3.93 6.31
C MET A 44 17.41 5.03 6.99
N ALA A 45 18.65 5.28 6.56
CA ALA A 45 19.42 6.35 7.19
C ALA A 45 18.73 7.70 6.97
N ILE A 46 18.15 7.91 5.80
CA ILE A 46 17.43 9.15 5.54
C ILE A 46 16.17 9.24 6.41
N ARG A 47 15.42 8.14 6.51
CA ARG A 47 14.21 8.12 7.32
C ARG A 47 14.52 8.42 8.77
N GLN A 48 15.71 8.06 9.22
CA GLN A 48 16.14 8.31 10.59
C GLN A 48 16.87 9.64 10.76
N THR A 49 17.15 10.37 9.69
CA THR A 49 17.83 11.64 9.86
C THR A 49 17.02 12.76 9.21
N TRP A 50 17.51 13.33 8.10
CA TRP A 50 16.88 14.53 7.55
C TRP A 50 15.56 14.24 6.86
N GLY A 51 15.25 12.98 6.56
CA GLY A 51 13.98 12.63 5.97
C GLY A 51 12.83 12.47 6.95
N LYS A 52 13.11 12.55 8.25
CA LYS A 52 12.09 12.34 9.27
C LYS A 52 11.03 13.45 9.21
N GLU A 53 9.78 13.06 9.05
CA GLU A 53 8.74 14.06 8.88
C GLU A 53 8.49 14.79 10.18
N ARG A 54 8.26 16.11 10.07
CA ARG A 54 8.14 16.94 11.26
C ARG A 54 7.71 18.33 10.85
N MET A 55 7.35 19.12 11.85
CA MET A 55 7.15 20.55 11.68
C MET A 55 8.49 21.24 11.88
N VAL A 56 8.86 22.08 10.93
CA VAL A 56 10.11 22.85 10.94
C VAL A 56 9.68 24.30 10.95
N LYS A 57 9.82 24.95 12.09
CA LYS A 57 9.37 26.33 12.27
C LYS A 57 7.87 26.44 11.93
N GLY A 58 7.12 25.43 12.33
CA GLY A 58 5.69 25.39 12.06
C GLY A 58 5.32 25.02 10.64
N LYS A 59 6.27 24.57 9.83
CA LYS A 59 6.01 24.23 8.43
C LYS A 59 6.13 22.72 8.26
N GLN A 60 5.21 22.10 7.52
CA GLN A 60 5.21 20.65 7.43
C GLN A 60 6.25 20.18 6.40
N LEU A 61 7.06 19.19 6.81
CA LEU A 61 8.01 18.51 5.93
C LEU A 61 7.49 17.11 5.65
N LYS A 62 7.48 16.72 4.37
CA LYS A 62 7.12 15.36 3.97
C LYS A 62 8.24 14.78 3.12
N THR A 63 8.45 13.47 3.22
CA THR A 63 9.56 12.80 2.52
C THR A 63 9.08 11.54 1.83
N PHE A 64 9.36 11.43 0.53
CA PHE A 64 8.96 10.27 -0.26
C PHE A 64 10.16 9.79 -1.08
N PHE A 65 10.15 8.49 -1.38
CA PHE A 65 11.20 7.83 -2.12
C PHE A 65 10.71 7.38 -3.50
N LEU A 66 11.45 7.77 -4.55
CA LEU A 66 11.07 7.48 -5.93
C LEU A 66 11.69 6.16 -6.37
N LEU A 67 10.87 5.22 -6.83
CA LEU A 67 11.39 3.93 -7.27
C LEU A 67 10.72 3.56 -8.58
N GLY A 68 11.46 2.85 -9.43
CA GLY A 68 10.86 2.17 -10.54
C GLY A 68 10.70 0.70 -10.22
N THR A 69 10.80 -0.13 -11.27
CA THR A 69 10.68 -1.58 -11.12
C THR A 69 12.00 -2.24 -11.48
N THR A 70 12.10 -3.52 -11.13
CA THR A 70 13.31 -4.30 -11.36
C THR A 70 12.93 -5.70 -11.80
N SER A 71 13.87 -6.36 -12.48
CA SER A 71 13.65 -7.74 -12.89
C SER A 71 13.71 -8.69 -11.70
N SER A 72 14.53 -8.37 -10.70
CA SER A 72 14.69 -9.22 -9.52
C SER A 72 13.38 -9.36 -8.75
N ALA A 73 12.91 -10.60 -8.63
CA ALA A 73 11.70 -10.85 -7.84
C ALA A 73 11.95 -10.60 -6.36
N ALA A 74 13.16 -10.89 -5.88
CA ALA A 74 13.50 -10.64 -4.49
C ALA A 74 13.42 -9.16 -4.16
N GLU A 75 14.03 -8.31 -4.99
CA GLU A 75 13.99 -6.88 -4.75
C GLU A 75 12.57 -6.36 -4.86
N THR A 76 11.80 -6.87 -5.81
CA THR A 76 10.40 -6.49 -5.91
C THR A 76 9.66 -6.77 -4.61
N LYS A 77 9.86 -7.96 -4.05
CA LYS A 77 9.17 -8.31 -2.81
C LYS A 77 9.64 -7.43 -1.66
N GLU A 78 10.95 -7.20 -1.57
CA GLU A 78 11.50 -6.33 -0.53
C GLU A 78 10.83 -4.97 -0.57
N VAL A 79 10.74 -4.37 -1.77
CA VAL A 79 10.19 -3.03 -1.91
C VAL A 79 8.68 -3.02 -1.64
N ASP A 80 7.98 -4.09 -2.04
CA ASP A 80 6.57 -4.19 -1.67
C ASP A 80 6.40 -4.15 -0.16
N GLN A 81 7.21 -4.94 0.54
CA GLN A 81 7.14 -4.98 1.99
C GLN A 81 7.52 -3.63 2.60
N GLU A 82 8.53 -2.99 2.03
CA GLU A 82 8.97 -1.68 2.52
C GLU A 82 7.88 -0.64 2.36
N SER A 83 7.21 -0.62 1.20
CA SER A 83 6.11 0.31 0.98
C SER A 83 4.96 0.04 1.95
N GLN A 84 4.70 -1.24 2.22
CA GLN A 84 3.65 -1.57 3.19
C GLN A 84 4.02 -1.08 4.58
N ARG A 85 5.29 -1.21 4.94
CA ARG A 85 5.74 -0.85 6.28
C ARG A 85 5.83 0.66 6.47
N HIS A 86 6.26 1.40 5.43
CA HIS A 86 6.56 2.82 5.55
C HIS A 86 5.59 3.73 4.81
N GLY A 87 4.94 3.26 3.76
CA GLY A 87 3.94 4.07 3.05
C GLY A 87 4.47 5.34 2.41
N ASP A 88 5.76 5.38 2.08
CA ASP A 88 6.35 6.63 1.60
C ASP A 88 7.06 6.44 0.26
N ILE A 89 6.67 5.43 -0.52
CA ILE A 89 7.28 5.13 -1.79
C ILE A 89 6.33 5.54 -2.92
N ILE A 90 6.86 6.27 -3.89
CA ILE A 90 6.17 6.60 -5.13
C ILE A 90 6.78 5.71 -6.21
N GLN A 91 5.95 4.92 -6.91
CA GLN A 91 6.48 3.97 -7.85
C GLN A 91 5.67 3.94 -9.14
N LYS A 92 6.37 3.79 -10.26
CA LYS A 92 5.75 3.51 -11.54
C LYS A 92 6.54 2.40 -12.23
N ASP A 93 5.94 1.81 -13.25
CA ASP A 93 6.53 0.64 -13.92
C ASP A 93 7.50 1.08 -15.01
N PHE A 94 8.74 1.35 -14.61
CA PHE A 94 9.81 1.58 -15.54
C PHE A 94 11.06 0.95 -14.95
N LEU A 95 11.88 0.35 -15.81
CA LEU A 95 13.11 -0.28 -15.34
C LEU A 95 13.99 0.73 -14.61
N ASP A 96 14.21 0.49 -13.33
CA ASP A 96 14.95 1.43 -12.49
C ASP A 96 16.45 1.22 -12.67
N VAL A 97 17.05 1.98 -13.61
CA VAL A 97 18.49 1.94 -13.86
C VAL A 97 19.00 3.37 -14.07
N TYR A 98 20.32 3.54 -13.99
CA TYR A 98 20.86 4.90 -14.02
C TYR A 98 20.36 5.66 -15.25
N TYR A 99 20.37 5.02 -16.43
CA TYR A 99 19.99 5.76 -17.63
C TYR A 99 18.49 5.91 -17.80
N ASN A 100 17.70 5.55 -16.79
CA ASN A 100 16.28 5.87 -16.73
C ASN A 100 15.96 6.92 -15.66
N LEU A 101 16.99 7.58 -15.11
CA LEU A 101 16.74 8.58 -14.09
C LEU A 101 15.81 9.70 -14.56
N THR A 102 15.81 10.03 -15.85
CA THR A 102 14.86 11.05 -16.31
C THR A 102 13.41 10.62 -16.06
N LEU A 103 13.06 9.38 -16.41
CA LEU A 103 11.73 8.88 -16.07
C LEU A 103 11.47 9.01 -14.58
N LYS A 104 12.47 8.65 -13.77
CA LYS A 104 12.26 8.70 -12.33
C LYS A 104 11.92 10.12 -11.89
N THR A 105 12.72 11.09 -12.36
CA THR A 105 12.46 12.49 -11.99
C THR A 105 11.09 12.91 -12.48
N MET A 106 10.75 12.54 -13.72
CA MET A 106 9.46 12.98 -14.21
C MET A 106 8.33 12.31 -13.43
N MET A 107 8.54 11.07 -12.96
CA MET A 107 7.54 10.47 -12.07
C MET A 107 7.31 11.34 -10.85
N GLY A 108 8.41 11.75 -10.20
CA GLY A 108 8.26 12.58 -9.02
C GLY A 108 7.52 13.85 -9.36
N ILE A 109 7.89 14.47 -10.47
CA ILE A 109 7.24 15.73 -10.81
C ILE A 109 5.76 15.48 -11.10
N GLU A 110 5.47 14.36 -11.79
CA GLU A 110 4.09 14.01 -12.07
C GLU A 110 3.32 13.83 -10.78
N TRP A 111 3.95 13.17 -9.80
CA TRP A 111 3.26 12.94 -8.53
C TRP A 111 2.88 14.28 -7.91
N VAL A 112 3.84 15.22 -7.86
CA VAL A 112 3.53 16.53 -7.28
C VAL A 112 2.36 17.14 -8.04
N HIS A 113 2.43 17.08 -9.37
CA HIS A 113 1.37 17.70 -10.17
C HIS A 113 0.02 17.08 -9.87
N ARG A 114 -0.03 15.75 -9.78
CA ARG A 114 -1.33 15.10 -9.71
C ARG A 114 -1.87 15.04 -8.29
N PHE A 115 -0.98 14.83 -7.32
CA PHE A 115 -1.41 14.51 -5.98
C PHE A 115 -0.97 15.50 -4.92
N CYS A 116 -0.06 16.42 -5.23
CA CYS A 116 0.36 17.36 -4.20
C CYS A 116 0.65 18.74 -4.77
N PRO A 117 -0.28 19.31 -5.55
CA PRO A 117 -0.06 20.67 -6.07
C PRO A 117 -0.07 21.72 -4.98
N GLN A 118 -0.45 21.35 -3.77
CA GLN A 118 -0.46 22.28 -2.64
C GLN A 118 0.94 22.52 -2.06
N ALA A 119 1.91 21.66 -2.38
CA ALA A 119 3.26 21.82 -1.83
C ALA A 119 3.82 23.21 -2.13
N ALA A 120 4.29 23.91 -1.10
CA ALA A 120 4.93 25.20 -1.38
C ALA A 120 6.25 25.00 -2.13
N PHE A 121 7.06 24.04 -1.68
CA PHE A 121 8.37 23.78 -2.28
C PHE A 121 8.59 22.29 -2.32
N VAL A 122 9.38 21.87 -3.31
CA VAL A 122 9.73 20.48 -3.55
C VAL A 122 11.24 20.44 -3.77
N MET A 123 11.91 19.49 -3.12
CA MET A 123 13.33 19.27 -3.37
C MET A 123 13.49 17.86 -3.94
N LYS A 124 14.12 17.76 -5.09
CA LYS A 124 14.49 16.45 -5.62
C LYS A 124 15.95 16.23 -5.26
N THR A 125 16.26 15.09 -4.63
CA THR A 125 17.60 14.89 -4.12
C THR A 125 18.08 13.45 -4.31
N ASP A 126 19.40 13.31 -4.40
CA ASP A 126 20.11 12.04 -4.36
C ASP A 126 20.00 11.42 -2.96
N SER A 127 20.36 10.16 -2.87
CA SER A 127 20.31 9.49 -1.57
C SER A 127 21.63 9.58 -0.80
N ASP A 128 22.75 9.82 -1.48
CA ASP A 128 24.05 9.94 -0.80
C ASP A 128 24.30 11.41 -0.43
N MET A 129 23.36 11.93 0.35
CA MET A 129 23.30 13.36 0.63
C MET A 129 23.05 13.62 2.12
N PHE A 130 23.54 14.75 2.58
CA PHE A 130 23.11 15.39 3.81
C PHE A 130 22.29 16.62 3.42
N ILE A 131 21.10 16.77 4.00
CA ILE A 131 20.22 17.91 3.74
CA ILE A 131 20.24 17.92 3.74
C ILE A 131 19.93 18.59 5.06
N ASN A 132 20.11 19.90 5.11
CA ASN A 132 19.80 20.68 6.31
C ASN A 132 18.45 21.34 6.03
N VAL A 133 17.39 20.64 6.41
CA VAL A 133 16.05 21.13 6.14
C VAL A 133 15.74 22.38 6.95
N ASP A 134 16.30 22.50 8.16
CA ASP A 134 16.06 23.68 8.98
C ASP A 134 16.57 24.94 8.29
N TYR A 135 17.82 24.89 7.82
CA TYR A 135 18.40 26.05 7.17
C TYR A 135 17.74 26.30 5.82
N LEU A 136 17.42 25.24 5.07
CA LEU A 136 16.71 25.41 3.80
C LEU A 136 15.38 26.12 4.01
N THR A 137 14.62 25.66 4.99
CA THR A 137 13.33 26.28 5.29
C THR A 137 13.50 27.76 5.64
N GLU A 138 14.47 28.06 6.50
CA GLU A 138 14.75 29.46 6.84
C GLU A 138 15.06 30.29 5.60
N LEU A 139 15.88 29.75 4.69
CA LEU A 139 16.24 30.53 3.49
C LEU A 139 15.05 30.68 2.55
N LEU A 140 14.23 29.63 2.42
CA LEU A 140 13.05 29.71 1.56
C LEU A 140 12.04 30.71 2.10
N LEU A 141 11.82 30.71 3.43
CA LEU A 141 10.90 31.66 4.03
C LEU A 141 11.41 33.08 3.85
N LYS A 142 12.72 33.25 3.78
CA LYS A 142 13.31 34.56 3.56
C LYS A 142 13.32 35.01 2.11
N LYS A 143 13.30 34.08 1.15
CA LYS A 143 13.48 34.44 -0.25
C LYS A 143 12.30 35.21 -0.82
N ASN A 144 11.09 35.03 -0.28
CA ASN A 144 9.87 35.69 -0.77
C ASN A 144 9.62 35.33 -2.22
N ARG A 145 9.94 34.10 -2.61
CA ARG A 145 9.73 33.60 -3.97
C ARG A 145 8.83 32.38 -3.90
N THR A 146 7.54 32.53 -4.21
CA THR A 146 6.55 31.46 -4.10
C THR A 146 6.12 30.85 -5.43
N THR A 147 6.50 31.43 -6.57
CA THR A 147 6.10 30.92 -7.87
C THR A 147 7.26 30.97 -8.86
N ARG A 148 7.25 30.02 -9.80
CA ARG A 148 8.26 29.97 -10.87
C ARG A 148 9.67 30.12 -10.30
N PHE A 149 9.92 29.42 -9.19
CA PHE A 149 11.19 29.49 -8.46
C PHE A 149 11.95 28.18 -8.60
N PHE A 150 13.25 28.26 -8.89
CA PHE A 150 14.07 27.06 -9.08
C PHE A 150 15.49 27.39 -8.66
N THR A 151 16.04 26.59 -7.75
CA THR A 151 17.36 26.89 -7.24
C THR A 151 18.14 25.59 -6.96
N GLY A 152 19.40 25.76 -6.64
CA GLY A 152 20.26 24.62 -6.33
C GLY A 152 21.69 25.04 -6.56
N PHE A 153 22.52 24.07 -7.01
CA PHE A 153 23.85 24.40 -7.48
C PHE A 153 23.73 24.75 -8.96
N LEU A 154 23.87 26.02 -9.29
CA LEU A 154 23.65 26.44 -10.69
C LEU A 154 24.82 26.03 -11.58
N LYS A 155 24.49 25.48 -12.75
CA LYS A 155 25.48 25.05 -13.75
C LYS A 155 25.12 25.77 -15.05
N LEU A 156 25.80 26.89 -15.31
CA LEU A 156 25.35 27.82 -16.33
C LEU A 156 26.15 27.76 -17.63
N ASN A 157 27.34 27.18 -17.62
CA ASN A 157 28.15 27.11 -18.84
C ASN A 157 28.64 25.68 -19.03
N GLU A 158 27.70 24.74 -19.22
CA GLU A 158 28.06 23.33 -19.28
C GLU A 158 28.14 22.85 -20.71
N PHE A 159 29.12 22.03 -20.97
CA PHE A 159 29.27 21.43 -22.28
C PHE A 159 29.02 19.94 -22.15
N PRO A 160 28.28 19.34 -23.08
CA PRO A 160 28.05 17.89 -23.02
C PRO A 160 29.37 17.15 -23.04
N ILE A 161 29.43 16.06 -22.30
CA ILE A 161 30.63 15.26 -22.18
C ILE A 161 30.63 14.26 -23.33
N ARG A 162 31.67 14.34 -24.15
CA ARG A 162 31.80 13.50 -25.33
C ARG A 162 32.86 12.40 -25.16
N GLN A 163 33.37 12.20 -23.94
CA GLN A 163 34.28 11.07 -23.64
C GLN A 163 33.46 9.80 -23.60
N PRO A 164 33.62 8.87 -24.55
CA PRO A 164 32.58 7.82 -24.76
C PRO A 164 32.37 6.82 -23.64
N PHE A 165 33.33 6.64 -22.75
CA PHE A 165 33.18 5.70 -21.63
C PHE A 165 32.90 6.41 -20.31
N SER A 166 32.69 7.72 -20.34
CA SER A 166 32.34 8.52 -19.16
C SER A 166 30.90 8.25 -18.75
N LYS A 167 30.66 8.28 -17.42
CA LYS A 167 29.31 8.02 -16.92
C LYS A 167 28.26 8.97 -17.50
N TRP A 168 28.66 10.20 -17.81
CA TRP A 168 27.75 11.21 -18.33
C TRP A 168 27.93 11.45 -19.83
N PHE A 169 28.53 10.50 -20.53
CA PHE A 169 28.67 10.64 -21.98
C PHE A 169 27.31 10.75 -22.66
N VAL A 170 27.21 11.69 -23.61
CA VAL A 170 26.08 11.76 -24.52
C VAL A 170 26.62 11.90 -25.93
N SER A 171 26.17 11.02 -26.82
CA SER A 171 26.52 11.09 -28.22
C SER A 171 25.91 12.34 -28.85
N LYS A 172 26.38 12.68 -30.05
CA LYS A 172 25.79 13.81 -30.75
C LYS A 172 24.35 13.52 -31.16
N SER A 173 24.01 12.26 -31.43
CA SER A 173 22.61 11.95 -31.73
CA SER A 173 22.61 11.95 -31.73
C SER A 173 21.73 12.08 -30.48
N GLU A 174 22.29 11.79 -29.30
CA GLU A 174 21.53 11.93 -28.06
C GLU A 174 21.35 13.39 -27.68
N TYR A 175 22.41 14.20 -27.85
CA TYR A 175 22.34 15.65 -27.63
C TYR A 175 23.27 16.32 -28.63
N PRO A 176 22.69 16.95 -29.65
CA PRO A 176 23.49 17.40 -30.80
C PRO A 176 24.10 18.79 -30.74
N TRP A 177 23.89 19.56 -29.68
CA TRP A 177 24.37 20.94 -29.66
C TRP A 177 25.58 21.06 -28.75
N ASP A 178 26.28 22.21 -28.89
CA ASP A 178 27.59 22.38 -28.25
C ASP A 178 27.50 22.61 -26.75
N ARG A 179 26.39 23.18 -26.28
CA ARG A 179 26.24 23.54 -24.88
C ARG A 179 24.89 23.06 -24.37
N TYR A 180 24.82 22.84 -23.05
CA TYR A 180 23.57 22.53 -22.37
C TYR A 180 22.87 23.82 -22.00
N PRO A 181 21.56 23.77 -21.78
CA PRO A 181 20.85 24.92 -21.20
C PRO A 181 21.35 25.15 -19.79
N PRO A 182 20.95 26.25 -19.14
CA PRO A 182 21.23 26.37 -17.70
C PRO A 182 20.49 25.26 -16.97
N PHE A 183 21.15 24.65 -15.97
CA PHE A 183 20.43 23.70 -15.15
C PHE A 183 21.09 23.64 -13.78
N CYS A 184 20.47 22.94 -12.84
CA CYS A 184 21.04 22.76 -11.51
C CYS A 184 21.44 21.31 -11.28
N SER A 185 22.50 21.11 -10.51
CA SER A 185 23.00 19.76 -10.27
C SER A 185 21.87 18.84 -9.78
N GLY A 186 21.76 17.65 -10.38
CA GLY A 186 20.80 16.65 -9.97
C GLY A 186 21.01 16.11 -8.57
N THR A 187 22.15 16.41 -7.94
CA THR A 187 22.35 15.94 -6.58
C THR A 187 21.28 16.49 -5.63
N GLY A 188 20.75 17.69 -5.91
CA GLY A 188 19.70 18.22 -5.04
C GLY A 188 19.31 19.60 -5.54
N TYR A 189 18.07 19.75 -6.02
CA TYR A 189 17.58 21.06 -6.42
C TYR A 189 16.18 21.27 -5.86
N VAL A 190 15.77 22.55 -5.80
CA VAL A 190 14.54 22.94 -5.10
C VAL A 190 13.73 23.85 -6.00
N PHE A 191 12.41 23.66 -5.98
CA PHE A 191 11.54 24.51 -6.80
C PHE A 191 10.20 24.72 -6.12
N SER A 192 9.57 25.86 -6.42
CA SER A 192 8.21 26.08 -5.94
C SER A 192 7.27 25.07 -6.60
N GLY A 193 6.25 24.67 -5.83
CA GLY A 193 5.41 23.55 -6.22
C GLY A 193 4.73 23.72 -7.59
N ASP A 194 4.35 24.95 -7.95
CA ASP A 194 3.71 25.20 -9.25
C ASP A 194 4.60 24.77 -10.41
N VAL A 195 5.92 24.86 -10.19
CA VAL A 195 6.86 24.47 -11.24
C VAL A 195 6.64 23.03 -11.67
N ALA A 196 6.25 22.14 -10.75
CA ALA A 196 6.02 20.75 -11.13
C ALA A 196 4.96 20.63 -12.21
N SER A 197 3.85 21.36 -12.05
CA SER A 197 2.80 21.28 -13.06
C SER A 197 3.28 21.83 -14.39
N GLN A 198 4.02 22.93 -14.36
CA GLN A 198 4.48 23.51 -15.62
C GLN A 198 5.45 22.56 -16.34
N VAL A 199 6.37 21.95 -15.59
CA VAL A 199 7.32 21.01 -16.18
C VAL A 199 6.59 19.80 -16.73
N TYR A 200 5.68 19.23 -15.94
CA TYR A 200 4.95 18.06 -16.45
C TYR A 200 4.23 18.41 -17.73
N ASN A 201 3.60 19.60 -17.78
CA ASN A 201 2.87 19.99 -18.99
C ASN A 201 3.78 20.08 -20.20
N VAL A 202 4.99 20.68 -20.05
CA VAL A 202 5.84 20.88 -21.24
C VAL A 202 6.71 19.67 -21.57
N SER A 203 6.86 18.71 -20.65
CA SER A 203 7.89 17.67 -20.80
C SER A 203 7.79 16.91 -22.13
N LYS A 204 6.58 16.57 -22.55
CA LYS A 204 6.47 15.74 -23.74
C LYS A 204 6.84 16.48 -25.03
N SER A 205 7.01 17.80 -25.01
CA SER A 205 7.39 18.51 -26.24
C SER A 205 8.85 18.94 -26.25
N VAL A 206 9.57 18.69 -25.17
CA VAL A 206 10.97 19.08 -25.02
C VAL A 206 11.84 17.90 -25.44
N PRO A 207 12.93 18.11 -26.18
CA PRO A 207 13.77 16.97 -26.57
C PRO A 207 14.23 16.15 -25.36
N TYR A 208 14.11 14.83 -25.48
CA TYR A 208 14.50 13.95 -24.39
C TYR A 208 16.01 13.91 -24.24
N ILE A 209 16.48 13.82 -23.00
CA ILE A 209 17.87 13.48 -22.72
C ILE A 209 17.91 12.64 -21.45
N LYS A 210 18.80 11.65 -21.43
CA LYS A 210 18.83 10.68 -20.36
C LYS A 210 19.44 11.23 -19.08
N LEU A 211 19.99 12.44 -19.09
CA LEU A 211 20.50 13.06 -17.86
C LEU A 211 19.39 13.94 -17.29
N GLU A 212 18.83 13.54 -16.16
CA GLU A 212 17.57 14.13 -15.68
C GLU A 212 17.71 15.61 -15.36
N ASP A 213 18.86 16.04 -14.78
CA ASP A 213 18.99 17.44 -14.42
C ASP A 213 19.08 18.35 -15.65
N VAL A 214 19.75 17.88 -16.70
CA VAL A 214 19.74 18.61 -17.97
C VAL A 214 18.32 18.64 -18.54
N PHE A 215 17.61 17.52 -18.49
CA PHE A 215 16.27 17.50 -19.06
C PHE A 215 15.37 18.54 -18.39
N VAL A 216 15.41 18.57 -17.05
CA VAL A 216 14.63 19.57 -16.33
C VAL A 216 15.06 20.98 -16.76
N GLY A 217 16.36 21.20 -16.93
CA GLY A 217 16.82 22.50 -17.44
C GLY A 217 16.22 22.84 -18.80
N LEU A 218 16.17 21.87 -19.69
CA LEU A 218 15.51 22.13 -20.98
C LEU A 218 14.05 22.54 -20.78
N CYS A 219 13.34 21.86 -19.88
CA CYS A 219 11.94 22.22 -19.62
C CYS A 219 11.83 23.63 -19.05
N LEU A 220 12.65 23.96 -18.05
CA LEU A 220 12.63 25.31 -17.46
C LEU A 220 12.91 26.37 -18.52
N GLU A 221 13.88 26.10 -19.38
CA GLU A 221 14.16 27.04 -20.47
C GLU A 221 12.96 27.22 -21.38
N ARG A 222 12.27 26.13 -21.72
CA ARG A 222 11.08 26.28 -22.57
C ARG A 222 10.03 27.12 -21.86
N LEU A 223 9.98 27.02 -20.54
CA LEU A 223 9.01 27.73 -19.70
C LEU A 223 9.43 29.16 -19.37
N ASN A 224 10.63 29.57 -19.75
CA ASN A 224 11.20 30.88 -19.44
C ASN A 224 11.35 31.11 -17.93
N ILE A 225 11.53 30.02 -17.18
CA ILE A 225 11.82 30.05 -15.75
C ILE A 225 13.32 30.18 -15.57
N ARG A 226 13.76 31.25 -14.91
CA ARG A 226 15.16 31.54 -14.72
C ARG A 226 15.68 30.91 -13.43
N LEU A 227 16.88 30.33 -13.49
CA LEU A 227 17.48 29.80 -12.27
C LEU A 227 17.92 30.94 -11.38
N GLU A 228 17.84 30.75 -10.06
CA GLU A 228 18.42 31.76 -9.19
C GLU A 228 19.11 31.11 -7.99
N GLU A 229 20.13 31.81 -7.49
CA GLU A 229 20.85 31.37 -6.30
C GLU A 229 19.96 31.51 -5.07
N LEU A 230 20.04 30.51 -4.18
CA LEU A 230 19.17 30.54 -3.00
C LEU A 230 19.57 31.64 -2.04
N HIS A 231 20.87 31.90 -1.93
CA HIS A 231 21.39 32.76 -0.89
C HIS A 231 22.63 33.45 -1.42
N SER A 232 23.06 34.51 -0.72
CA SER A 232 24.26 35.24 -1.10
C SER A 232 25.50 34.40 -0.94
N GLN A 233 25.44 33.33 -0.15
CA GLN A 233 26.54 32.39 0.05
C GLN A 233 26.18 31.04 -0.56
N PRO A 234 27.16 30.25 -1.00
CA PRO A 234 26.85 28.91 -1.51
C PRO A 234 26.24 28.04 -0.43
N THR A 235 25.25 27.26 -0.82
CA THR A 235 24.55 26.37 0.11
C THR A 235 24.37 24.95 -0.39
N PHE A 236 24.61 24.69 -1.68
CA PHE A 236 24.56 23.35 -2.28
C PHE A 236 25.96 22.94 -2.71
N PHE A 237 26.38 21.72 -2.36
CA PHE A 237 27.76 21.30 -2.55
C PHE A 237 27.81 19.93 -3.21
N PRO A 238 27.57 19.86 -4.53
CA PRO A 238 27.67 18.58 -5.24
C PRO A 238 29.05 17.95 -5.14
N GLY A 239 30.07 18.75 -4.89
CA GLY A 239 31.45 18.25 -4.77
C GLY A 239 31.79 17.72 -3.40
N GLY A 240 30.90 17.88 -2.43
CA GLY A 240 31.18 17.43 -1.08
C GLY A 240 31.90 18.50 -0.29
N LEU A 241 32.06 18.24 1.00
CA LEU A 241 32.61 19.22 1.94
C LEU A 241 33.34 18.52 3.06
N ARG A 242 34.37 19.19 3.57
CA ARG A 242 34.95 18.76 4.83
C ARG A 242 33.98 19.07 5.98
N PHE A 243 33.65 18.05 6.78
CA PHE A 243 32.62 18.21 7.79
C PHE A 243 33.07 19.05 8.98
N SER A 244 32.18 19.94 9.41
CA SER A 244 32.23 20.50 10.76
C SER A 244 30.81 20.89 11.13
N VAL A 245 30.49 20.80 12.42
CA VAL A 245 29.16 21.16 12.91
C VAL A 245 28.80 22.57 12.45
N CYS A 246 29.70 23.52 12.66
CA CYS A 246 29.33 24.90 12.40
C CYS A 246 29.12 25.17 10.92
N LEU A 247 29.92 24.55 10.06
CA LEU A 247 29.68 24.65 8.62
C LEU A 247 28.35 24.01 8.24
N PHE A 248 28.10 22.79 8.75
CA PHE A 248 26.91 22.10 8.28
C PHE A 248 25.63 22.72 8.80
N ARG A 249 25.71 23.56 9.84
CA ARG A 249 24.54 24.33 10.23
C ARG A 249 24.18 25.43 9.24
N ARG A 250 25.08 25.79 8.33
CA ARG A 250 24.83 26.92 7.44
C ARG A 250 24.95 26.51 5.97
N ILE A 251 24.59 25.26 5.67
CA ILE A 251 24.50 24.80 4.29
C ILE A 251 23.16 24.12 4.13
N VAL A 252 22.75 23.92 2.88
CA VAL A 252 21.53 23.20 2.57
C VAL A 252 21.81 21.76 2.18
N ALA A 253 22.80 21.52 1.33
CA ALA A 253 22.96 20.17 0.78
C ALA A 253 24.42 19.85 0.55
N CYS A 254 24.82 18.64 0.94
CA CYS A 254 26.17 18.16 0.71
C CYS A 254 26.12 16.73 0.18
N HIS A 255 26.88 16.49 -0.87
CA HIS A 255 26.91 15.22 -1.58
C HIS A 255 28.04 14.32 -1.05
N PHE A 256 28.07 13.09 -1.57
CA PHE A 256 29.16 12.15 -1.27
C PHE A 256 29.12 11.69 0.19
N ILE A 257 27.93 11.45 0.70
CA ILE A 257 27.72 11.09 2.11
CA ILE A 257 27.74 11.08 2.10
C ILE A 257 27.04 9.73 2.16
N LYS A 258 27.80 8.69 2.52
CA LYS A 258 27.25 7.35 2.65
C LYS A 258 26.43 7.20 3.93
N PRO A 259 25.64 6.12 4.03
CA PRO A 259 24.72 5.99 5.17
C PRO A 259 25.36 6.11 6.54
N ARG A 260 26.42 5.34 6.79
CA ARG A 260 27.08 5.43 8.09
C ARG A 260 27.52 6.86 8.38
N THR A 261 28.09 7.53 7.39
CA THR A 261 28.52 8.91 7.57
C THR A 261 27.33 9.82 7.86
N LEU A 262 26.24 9.64 7.12
CA LEU A 262 25.05 10.46 7.35
C LEU A 262 24.58 10.32 8.80
N LEU A 263 24.53 9.08 9.30
CA LEU A 263 24.13 8.85 10.69
C LEU A 263 25.09 9.52 11.66
N ASP A 264 26.42 9.42 11.41
CA ASP A 264 27.39 10.06 12.31
C ASP A 264 27.24 11.57 12.30
N TYR A 265 27.03 12.17 11.12
CA TYR A 265 26.87 13.62 11.04
C TYR A 265 25.60 14.07 11.76
N TRP A 266 24.51 13.31 11.58
CA TRP A 266 23.28 13.66 12.26
C TRP A 266 23.47 13.59 13.77
N GLN A 267 24.13 12.55 14.25
CA GLN A 267 24.44 12.45 15.69
C GLN A 267 25.28 13.64 16.14
N ALA A 268 26.27 14.03 15.33
CA ALA A 268 27.11 15.17 15.68
C ALA A 268 26.26 16.43 15.87
N LEU A 269 25.34 16.68 14.95
CA LEU A 269 24.52 17.88 15.05
C LEU A 269 23.60 17.79 16.27
N GLU A 270 23.06 16.61 16.56
CA GLU A 270 22.29 16.46 17.79
C GLU A 270 23.16 16.71 19.02
N ASN A 271 24.36 16.11 19.05
CA ASN A 271 25.23 16.24 20.23
C ASN A 271 25.59 17.69 20.52
N SER A 272 25.72 18.52 19.50
CA SER A 272 26.18 19.90 19.64
C SER A 272 25.06 20.92 19.63
N ARG A 273 23.82 20.46 19.54
CA ARG A 273 22.68 21.35 19.68
C ARG A 273 22.80 22.13 20.98
N GLY A 274 22.65 23.44 20.89
CA GLY A 274 22.78 24.28 22.07
C GLY A 274 24.13 24.92 22.22
N GLU A 275 25.11 24.53 21.40
CA GLU A 275 26.32 25.32 21.38
C GLU A 275 26.19 26.41 20.33
N ASP A 276 27.03 27.42 20.47
CA ASP A 276 27.11 28.56 19.56
C ASP A 276 28.30 28.37 18.63
N CYS A 277 28.41 29.25 17.62
CA CYS A 277 29.43 28.99 16.59
C CYS A 277 30.23 30.22 16.15
N PRO A 278 29.63 31.20 15.48
CA PRO A 278 30.48 32.25 14.89
C PRO A 278 31.25 33.05 15.95
N ASN B 13 -17.82 -23.39 -15.57
CA ASN B 13 -17.90 -23.51 -14.11
C ASN B 13 -16.58 -23.59 -13.36
N PHE B 14 -16.54 -24.60 -12.50
CA PHE B 14 -15.50 -24.73 -11.49
C PHE B 14 -14.31 -25.56 -11.98
N LEU B 15 -13.10 -25.06 -11.68
CA LEU B 15 -11.87 -25.76 -12.02
C LEU B 15 -11.51 -26.83 -11.00
N LYS B 16 -11.78 -26.57 -9.72
CA LYS B 16 -11.61 -27.56 -8.66
C LYS B 16 -12.86 -27.52 -7.79
N LEU B 17 -13.38 -28.70 -7.46
CA LEU B 17 -14.54 -28.82 -6.58
C LEU B 17 -14.22 -29.75 -5.43
N PRO B 18 -14.53 -29.37 -4.19
CA PRO B 18 -14.38 -30.31 -3.08
C PRO B 18 -15.33 -31.47 -3.28
N ASP B 19 -14.87 -32.65 -2.90
CA ASP B 19 -15.60 -33.90 -3.08
C ASP B 19 -16.61 -34.03 -1.93
N THR B 20 -17.80 -33.44 -2.11
CA THR B 20 -18.80 -33.38 -1.05
C THR B 20 -20.20 -33.60 -1.61
N ASP B 21 -21.07 -34.12 -0.74
CA ASP B 21 -22.47 -34.39 -1.08
C ASP B 21 -23.32 -33.84 0.07
N CYS B 22 -23.73 -32.58 -0.05
CA CYS B 22 -24.50 -31.93 1.01
C CYS B 22 -25.93 -32.44 1.08
N ARG B 23 -26.43 -33.08 0.02
CA ARG B 23 -27.79 -33.62 0.06
C ARG B 23 -27.89 -34.79 1.04
N GLN B 24 -26.95 -35.73 0.96
CA GLN B 24 -26.91 -36.83 1.94
C GLN B 24 -26.60 -36.30 3.34
N THR B 25 -25.55 -35.49 3.47
CA THR B 25 -25.12 -34.97 4.77
C THR B 25 -25.17 -33.45 4.72
N PRO B 26 -26.35 -32.86 4.95
CA PRO B 26 -26.45 -31.40 5.00
C PRO B 26 -25.59 -30.86 6.13
N PRO B 27 -24.67 -29.96 5.82
CA PRO B 27 -23.86 -29.36 6.90
C PRO B 27 -24.66 -28.32 7.66
N PHE B 28 -24.33 -28.19 8.95
CA PHE B 28 -24.90 -27.10 9.73
C PHE B 28 -24.17 -25.79 9.46
N LEU B 29 -22.84 -25.83 9.37
CA LEU B 29 -22.07 -24.62 9.13
C LEU B 29 -21.02 -24.89 8.06
N VAL B 30 -21.03 -24.06 7.03
CA VAL B 30 -20.02 -24.12 5.97
C VAL B 30 -19.13 -22.90 6.09
N LEU B 31 -17.82 -23.13 6.21
CA LEU B 31 -16.83 -22.05 6.24
C LEU B 31 -16.19 -21.92 4.86
N LEU B 32 -16.24 -20.71 4.30
CA LEU B 32 -15.59 -20.40 3.03
C LEU B 32 -14.49 -19.39 3.33
N VAL B 33 -13.24 -19.81 3.19
CA VAL B 33 -12.08 -19.04 3.62
C VAL B 33 -11.34 -18.52 2.40
N THR B 34 -11.14 -17.20 2.35
CA THR B 34 -10.36 -16.60 1.29
C THR B 34 -8.88 -16.59 1.63
N SER B 35 -8.03 -16.95 0.66
CA SER B 35 -6.58 -16.88 0.83
C SER B 35 -5.91 -16.92 -0.54
N SER B 36 -4.68 -16.41 -0.58
CA SER B 36 -3.86 -16.39 -1.79
C SER B 36 -3.12 -17.72 -1.94
N HIS B 37 -2.56 -17.91 -3.13
CA HIS B 37 -1.84 -19.16 -3.41
C HIS B 37 -0.66 -19.34 -2.45
N LYS B 38 0.10 -18.26 -2.22
CA LYS B 38 1.30 -18.34 -1.40
C LYS B 38 1.00 -18.54 0.07
N GLN B 39 -0.25 -18.31 0.50
CA GLN B 39 -0.59 -18.37 1.92
C GLN B 39 -0.83 -19.80 2.39
N LEU B 40 0.06 -20.72 2.02
CA LEU B 40 -0.05 -22.10 2.47
C LEU B 40 -0.01 -22.19 3.99
N ALA B 41 0.82 -21.36 4.64
CA ALA B 41 0.90 -21.39 6.09
C ALA B 41 -0.44 -21.06 6.74
N GLU B 42 -1.13 -20.04 6.21
CA GLU B 42 -2.47 -19.70 6.71
C GLU B 42 -3.41 -20.89 6.63
N ARG B 43 -3.52 -21.50 5.46
CA ARG B 43 -4.48 -22.59 5.28
C ARG B 43 -4.12 -23.78 6.14
N MET B 44 -2.83 -24.08 6.27
CA MET B 44 -2.44 -25.20 7.12
C MET B 44 -2.78 -24.91 8.58
N ALA B 45 -2.55 -23.68 9.04
CA ALA B 45 -2.90 -23.33 10.41
C ALA B 45 -4.40 -23.44 10.63
N ILE B 46 -5.20 -23.05 9.63
CA ILE B 46 -6.64 -23.17 9.76
C ILE B 46 -7.04 -24.64 9.81
N ARG B 47 -6.47 -25.46 8.93
CA ARG B 47 -6.78 -26.89 8.93
C ARG B 47 -6.43 -27.55 10.24
N GLN B 48 -5.41 -27.03 10.94
CA GLN B 48 -5.01 -27.61 12.21
C GLN B 48 -5.72 -26.99 13.40
N THR B 49 -6.52 -25.95 13.19
CA THR B 49 -7.25 -25.30 14.26
C THR B 49 -8.75 -25.24 13.99
N TRP B 50 -9.31 -24.05 13.79
CA TRP B 50 -10.77 -23.94 13.69
C TRP B 50 -11.33 -24.46 12.37
N GLY B 51 -10.50 -24.68 11.37
CA GLY B 51 -11.03 -25.23 10.13
C GLY B 51 -11.19 -26.73 10.11
N LYS B 52 -10.71 -27.42 11.16
CA LYS B 52 -10.78 -28.87 11.20
C LYS B 52 -12.24 -29.32 11.27
N GLU B 53 -12.65 -30.12 10.29
CA GLU B 53 -14.05 -30.54 10.18
C GLU B 53 -14.44 -31.50 11.28
N ARG B 54 -15.66 -31.38 11.77
CA ARG B 54 -16.06 -32.16 12.93
C ARG B 54 -17.54 -31.93 13.24
N MET B 55 -18.04 -32.72 14.20
CA MET B 55 -19.35 -32.51 14.79
C MET B 55 -19.25 -31.56 15.97
N VAL B 56 -20.09 -30.54 15.97
CA VAL B 56 -20.18 -29.52 17.00
C VAL B 56 -21.60 -29.57 17.55
N LYS B 57 -21.75 -30.11 18.75
CA LYS B 57 -23.08 -30.27 19.36
C LYS B 57 -24.01 -31.05 18.43
N GLY B 58 -23.47 -32.05 17.74
CA GLY B 58 -24.24 -32.84 16.80
C GLY B 58 -24.49 -32.18 15.45
N LYS B 59 -23.87 -31.05 15.16
CA LYS B 59 -24.02 -30.33 13.90
C LYS B 59 -22.74 -30.40 13.08
N GLN B 60 -22.87 -30.60 11.78
CA GLN B 60 -21.70 -30.81 10.91
C GLN B 60 -21.03 -29.48 10.52
N LEU B 61 -19.70 -29.44 10.64
CA LEU B 61 -18.89 -28.31 10.19
C LEU B 61 -18.08 -28.72 8.97
N LYS B 62 -18.13 -27.88 7.92
CA LYS B 62 -17.34 -28.10 6.73
C LYS B 62 -16.50 -26.86 6.45
N THR B 63 -15.29 -27.05 5.93
CA THR B 63 -14.38 -25.94 5.70
C THR B 63 -13.74 -26.06 4.32
N PHE B 64 -13.85 -25.00 3.53
CA PHE B 64 -13.30 -24.96 2.18
C PHE B 64 -12.55 -23.65 1.98
N PHE B 65 -11.56 -23.69 1.10
CA PHE B 65 -10.73 -22.55 0.79
C PHE B 65 -11.00 -22.10 -0.64
N LEU B 66 -11.32 -20.82 -0.81
CA LEU B 66 -11.65 -20.25 -2.10
C LEU B 66 -10.38 -19.73 -2.76
N LEU B 67 -10.10 -20.21 -3.98
CA LEU B 67 -8.93 -19.81 -4.73
C LEU B 67 -9.33 -19.48 -6.16
N GLY B 68 -8.59 -18.57 -6.76
CA GLY B 68 -8.62 -18.31 -8.18
C GLY B 68 -7.46 -18.97 -8.88
N THR B 69 -6.98 -18.30 -9.93
CA THR B 69 -5.85 -18.81 -10.69
C THR B 69 -4.68 -17.84 -10.56
N THR B 70 -3.49 -18.31 -10.94
CA THR B 70 -2.29 -17.49 -10.83
C THR B 70 -1.41 -17.70 -12.05
N SER B 71 -0.63 -16.67 -12.36
CA SER B 71 0.34 -16.76 -13.45
C SER B 71 1.55 -17.61 -13.06
N SER B 72 1.93 -17.59 -11.78
CA SER B 72 3.11 -18.32 -11.33
C SER B 72 2.93 -19.82 -11.54
N ALA B 73 3.85 -20.41 -12.30
CA ALA B 73 3.81 -21.86 -12.50
C ALA B 73 4.09 -22.60 -11.18
N ALA B 74 4.98 -22.04 -10.36
CA ALA B 74 5.27 -22.65 -9.06
C ALA B 74 4.04 -22.67 -8.16
N GLU B 75 3.36 -21.53 -8.06
CA GLU B 75 2.15 -21.46 -7.25
C GLU B 75 1.04 -22.34 -7.80
N THR B 76 0.87 -22.36 -9.13
CA THR B 76 -0.10 -23.27 -9.72
C THR B 76 0.18 -24.71 -9.33
N LYS B 77 1.46 -25.11 -9.41
CA LYS B 77 1.83 -26.48 -9.06
C LYS B 77 1.56 -26.75 -7.58
N GLU B 78 1.96 -25.81 -6.71
CA GLU B 78 1.74 -25.95 -5.28
C GLU B 78 0.25 -26.15 -4.97
N VAL B 79 -0.60 -25.32 -5.56
CA VAL B 79 -2.04 -25.40 -5.27
C VAL B 79 -2.63 -26.68 -5.86
N ASP B 80 -2.14 -27.13 -7.01
CA ASP B 80 -2.62 -28.40 -7.56
C ASP B 80 -2.36 -29.55 -6.60
N GLN B 81 -1.11 -29.68 -6.14
CA GLN B 81 -0.79 -30.76 -5.21
C GLN B 81 -1.51 -30.58 -3.87
N GLU B 82 -1.64 -29.35 -3.41
CA GLU B 82 -2.38 -29.11 -2.17
C GLU B 82 -3.82 -29.54 -2.29
N SER B 83 -4.46 -29.24 -3.44
CA SER B 83 -5.84 -29.67 -3.66
C SER B 83 -5.92 -31.18 -3.68
N GLN B 84 -4.95 -31.86 -4.31
CA GLN B 84 -5.00 -33.32 -4.31
C GLN B 84 -4.83 -33.89 -2.91
N ARG B 85 -3.97 -33.27 -2.10
CA ARG B 85 -3.71 -33.82 -0.77
C ARG B 85 -4.89 -33.58 0.18
N HIS B 86 -5.55 -32.42 0.05
CA HIS B 86 -6.57 -32.04 1.02
C HIS B 86 -7.99 -32.05 0.47
N GLY B 87 -8.18 -31.86 -0.83
CA GLY B 87 -9.52 -31.94 -1.40
C GLY B 87 -10.51 -30.93 -0.87
N ASP B 88 -10.04 -29.76 -0.42
CA ASP B 88 -10.89 -28.76 0.22
C ASP B 88 -10.83 -27.40 -0.47
N ILE B 89 -10.43 -27.36 -1.74
CA ILE B 89 -10.25 -26.10 -2.46
C ILE B 89 -11.38 -25.93 -3.47
N ILE B 90 -12.00 -24.75 -3.48
CA ILE B 90 -12.98 -24.35 -4.49
C ILE B 90 -12.31 -23.32 -5.39
N GLN B 91 -12.23 -23.62 -6.69
CA GLN B 91 -11.48 -22.78 -7.60
C GLN B 91 -12.26 -22.56 -8.89
N LYS B 92 -12.11 -21.35 -9.44
CA LYS B 92 -12.57 -21.01 -10.78
C LYS B 92 -11.48 -20.20 -11.47
N ASP B 93 -11.63 -20.03 -12.78
CA ASP B 93 -10.60 -19.40 -13.61
C ASP B 93 -10.75 -17.88 -13.58
N PHE B 94 -10.19 -17.27 -12.54
CA PHE B 94 -10.11 -15.82 -12.47
C PHE B 94 -8.82 -15.43 -11.79
N LEU B 95 -8.20 -14.33 -12.27
CA LEU B 95 -6.96 -13.85 -11.69
C LEU B 95 -7.15 -13.57 -10.20
N ASP B 96 -6.49 -14.36 -9.36
CA ASP B 96 -6.68 -14.25 -7.92
C ASP B 96 -5.85 -13.07 -7.40
N VAL B 97 -6.45 -11.89 -7.40
CA VAL B 97 -5.82 -10.69 -6.88
C VAL B 97 -6.86 -9.94 -6.06
N TYR B 98 -6.37 -9.00 -5.25
CA TYR B 98 -7.26 -8.34 -4.30
C TYR B 98 -8.48 -7.77 -4.99
N TYR B 99 -8.30 -7.11 -6.13
CA TYR B 99 -9.41 -6.42 -6.77
C TYR B 99 -10.35 -7.33 -7.52
N ASN B 100 -10.17 -8.64 -7.38
CA ASN B 100 -11.13 -9.61 -7.86
C ASN B 100 -11.84 -10.34 -6.72
N LEU B 101 -11.69 -9.84 -5.49
CA LEU B 101 -12.33 -10.51 -4.37
C LEU B 101 -13.84 -10.60 -4.52
N THR B 102 -14.48 -9.63 -5.17
CA THR B 102 -15.92 -9.76 -5.40
C THR B 102 -16.19 -11.06 -6.14
N LEU B 103 -15.40 -11.31 -7.20
CA LEU B 103 -15.53 -12.57 -7.92
C LEU B 103 -15.35 -13.74 -6.98
N LYS B 104 -14.30 -13.70 -6.16
CA LYS B 104 -14.08 -14.81 -5.23
C LYS B 104 -15.29 -15.00 -4.34
N THR B 105 -15.81 -13.91 -3.77
CA THR B 105 -16.98 -14.06 -2.90
C THR B 105 -18.13 -14.64 -3.69
N MET B 106 -18.39 -14.12 -4.89
CA MET B 106 -19.51 -14.65 -5.66
C MET B 106 -19.24 -16.10 -6.04
N MET B 107 -17.99 -16.45 -6.31
CA MET B 107 -17.71 -17.87 -6.55
C MET B 107 -18.21 -18.70 -5.39
N GLY B 108 -17.82 -18.32 -4.17
CA GLY B 108 -18.25 -19.08 -3.01
C GLY B 108 -19.77 -19.12 -2.93
N ILE B 109 -20.41 -17.98 -3.12
CA ILE B 109 -21.86 -17.95 -3.00
C ILE B 109 -22.46 -18.85 -4.08
N GLU B 110 -21.92 -18.77 -5.30
CA GLU B 110 -22.43 -19.64 -6.35
C GLU B 110 -22.31 -21.09 -5.91
N TRP B 111 -21.19 -21.47 -5.31
CA TRP B 111 -21.01 -22.86 -4.89
C TRP B 111 -22.11 -23.25 -3.91
N VAL B 112 -22.33 -22.43 -2.88
CA VAL B 112 -23.38 -22.76 -1.94
C VAL B 112 -24.70 -22.92 -2.68
N HIS B 113 -24.99 -22.01 -3.60
CA HIS B 113 -26.24 -22.06 -4.33
C HIS B 113 -26.34 -23.36 -5.15
N ARG B 114 -25.24 -23.79 -5.77
CA ARG B 114 -25.33 -24.92 -6.68
C ARG B 114 -25.18 -26.25 -5.98
N PHE B 115 -24.26 -26.35 -5.03
CA PHE B 115 -23.86 -27.64 -4.50
C PHE B 115 -24.12 -27.82 -3.02
N CYS B 116 -24.49 -26.78 -2.28
CA CYS B 116 -24.76 -27.00 -0.87
C CYS B 116 -25.87 -26.09 -0.36
N PRO B 117 -27.02 -26.01 -1.06
CA PRO B 117 -28.12 -25.18 -0.56
C PRO B 117 -28.77 -25.72 0.71
N GLN B 118 -28.41 -26.93 1.13
CA GLN B 118 -28.92 -27.50 2.36
C GLN B 118 -28.23 -26.93 3.59
N ALA B 119 -27.10 -26.25 3.43
CA ALA B 119 -26.37 -25.69 4.56
C ALA B 119 -27.28 -24.78 5.38
N ALA B 120 -27.36 -25.05 6.68
CA ALA B 120 -28.16 -24.18 7.53
C ALA B 120 -27.56 -22.79 7.59
N PHE B 121 -26.23 -22.70 7.71
CA PHE B 121 -25.54 -21.42 7.80
C PHE B 121 -24.22 -21.48 7.06
N VAL B 122 -23.81 -20.32 6.55
CA VAL B 122 -22.57 -20.18 5.80
C VAL B 122 -21.83 -18.97 6.36
N MET B 123 -20.55 -19.12 6.62
CA MET B 123 -19.69 -18.02 7.02
C MET B 123 -18.60 -17.85 5.98
N LYS B 124 -18.50 -16.65 5.42
CA LYS B 124 -17.38 -16.27 4.56
C LYS B 124 -16.39 -15.47 5.40
N THR B 125 -15.12 -15.90 5.40
CA THR B 125 -14.12 -15.33 6.29
C THR B 125 -12.75 -15.20 5.61
N ASP B 126 -11.95 -14.26 6.13
CA ASP B 126 -10.55 -14.08 5.80
C ASP B 126 -9.69 -15.22 6.34
N SER B 127 -8.43 -15.28 5.91
CA SER B 127 -7.52 -16.32 6.38
C SER B 127 -6.74 -15.93 7.62
N ASP B 128 -6.54 -14.63 7.86
CA ASP B 128 -5.83 -14.19 9.06
C ASP B 128 -6.82 -13.96 10.21
N MET B 129 -7.52 -15.04 10.55
CA MET B 129 -8.64 -14.99 11.46
C MET B 129 -8.56 -16.12 12.49
N PHE B 130 -9.11 -15.84 13.67
CA PHE B 130 -9.48 -16.89 14.61
C PHE B 130 -11.00 -16.95 14.60
N ILE B 131 -11.54 -18.15 14.42
CA ILE B 131 -12.98 -18.38 14.47
C ILE B 131 -13.27 -19.37 15.58
N ASN B 132 -14.20 -19.01 16.45
CA ASN B 132 -14.72 -19.92 17.49
C ASN B 132 -16.01 -20.53 16.96
N VAL B 133 -15.89 -21.70 16.32
CA VAL B 133 -17.04 -22.37 15.74
C VAL B 133 -17.99 -22.88 16.82
N ASP B 134 -17.46 -23.26 17.99
CA ASP B 134 -18.33 -23.72 19.07
C ASP B 134 -19.26 -22.60 19.54
N TYR B 135 -18.70 -21.41 19.81
CA TYR B 135 -19.55 -20.32 20.26
C TYR B 135 -20.44 -19.83 19.12
N LEU B 136 -19.93 -19.80 17.89
CA LEU B 136 -20.77 -19.39 16.76
C LEU B 136 -21.97 -20.30 16.63
N THR B 137 -21.75 -21.61 16.71
CA THR B 137 -22.85 -22.57 16.66
C THR B 137 -23.85 -22.33 17.77
N GLU B 138 -23.36 -22.15 19.00
CA GLU B 138 -24.26 -21.88 20.12
C GLU B 138 -25.10 -20.64 19.86
N LEU B 139 -24.47 -19.58 19.33
CA LEU B 139 -25.20 -18.34 19.10
C LEU B 139 -26.18 -18.48 17.95
N LEU B 140 -25.82 -19.22 16.90
CA LEU B 140 -26.74 -19.40 15.77
C LEU B 140 -27.97 -20.19 16.23
N LEU B 141 -27.77 -21.21 17.04
CA LEU B 141 -28.90 -21.97 17.57
C LEU B 141 -29.76 -21.12 18.49
N LYS B 142 -29.15 -20.22 19.26
CA LYS B 142 -29.97 -19.39 20.14
C LYS B 142 -30.67 -18.27 19.39
N LYS B 143 -30.03 -17.74 18.34
CA LYS B 143 -30.66 -16.66 17.59
C LYS B 143 -31.86 -17.17 16.85
N ASN B 144 -31.80 -18.42 16.39
CA ASN B 144 -32.97 -19.08 15.82
C ASN B 144 -33.53 -18.29 14.64
N ARG B 145 -32.65 -17.76 13.80
CA ARG B 145 -33.02 -17.05 12.59
C ARG B 145 -32.47 -17.91 11.46
N THR B 146 -33.35 -18.68 10.83
CA THR B 146 -32.97 -19.70 9.87
C THR B 146 -33.21 -19.31 8.41
N THR B 147 -33.86 -18.19 8.13
CA THR B 147 -34.06 -17.73 6.76
C THR B 147 -33.84 -16.23 6.68
N ARG B 148 -33.37 -15.78 5.51
CA ARG B 148 -33.15 -14.35 5.25
C ARG B 148 -32.39 -13.69 6.40
N PHE B 149 -31.35 -14.36 6.86
CA PHE B 149 -30.56 -13.93 8.00
C PHE B 149 -29.13 -13.59 7.56
N PHE B 150 -28.63 -12.44 7.98
CA PHE B 150 -27.29 -12.01 7.63
C PHE B 150 -26.72 -11.21 8.79
N THR B 151 -25.54 -11.60 9.26
CA THR B 151 -24.95 -10.96 10.43
C THR B 151 -23.43 -10.93 10.29
N GLY B 152 -22.81 -10.21 11.21
CA GLY B 152 -21.37 -10.05 11.27
C GLY B 152 -21.04 -8.80 12.05
N PHE B 153 -19.96 -8.14 11.62
CA PHE B 153 -19.66 -6.79 12.12
C PHE B 153 -20.39 -5.80 11.22
N LEU B 154 -21.47 -5.21 11.74
CA LEU B 154 -22.30 -4.33 10.93
C LEU B 154 -21.61 -2.98 10.71
N LYS B 155 -21.63 -2.52 9.46
CA LYS B 155 -21.07 -1.24 9.03
C LYS B 155 -22.20 -0.48 8.37
N LEU B 156 -22.84 0.42 9.12
CA LEU B 156 -24.12 1.00 8.73
C LEU B 156 -24.02 2.42 8.19
N ASN B 157 -22.92 3.13 8.43
CA ASN B 157 -22.81 4.50 7.95
C ASN B 157 -21.47 4.67 7.23
N GLU B 158 -21.28 3.92 6.16
CA GLU B 158 -20.02 3.87 5.44
C GLU B 158 -20.06 4.75 4.20
N PHE B 159 -18.94 5.44 3.94
CA PHE B 159 -18.80 6.28 2.77
C PHE B 159 -17.66 5.78 1.89
N PRO B 160 -17.84 5.80 0.57
CA PRO B 160 -16.77 5.33 -0.32
C PRO B 160 -15.48 6.11 -0.09
N ILE B 161 -14.36 5.41 -0.13
CA ILE B 161 -13.04 6.01 0.10
C ILE B 161 -12.52 6.52 -1.24
N ARG B 162 -12.26 7.83 -1.31
CA ARG B 162 -11.83 8.48 -2.55
C ARG B 162 -10.35 8.83 -2.57
N GLN B 163 -9.58 8.40 -1.57
CA GLN B 163 -8.13 8.61 -1.54
C GLN B 163 -7.42 7.63 -2.47
N PRO B 164 -6.83 8.10 -3.58
CA PRO B 164 -6.30 7.14 -4.58
C PRO B 164 -5.19 6.24 -4.06
N PHE B 165 -4.61 6.51 -2.91
CA PHE B 165 -3.57 5.64 -2.38
C PHE B 165 -4.13 4.53 -1.49
N SER B 166 -5.43 4.55 -1.21
CA SER B 166 -6.03 3.53 -0.36
C SER B 166 -6.29 2.25 -1.14
N LYS B 167 -6.07 1.09 -0.49
CA LYS B 167 -6.40 -0.17 -1.14
C LYS B 167 -7.90 -0.24 -1.44
N TRP B 168 -8.71 0.52 -0.71
CA TRP B 168 -10.15 0.53 -0.87
C TRP B 168 -10.64 1.75 -1.65
N PHE B 169 -9.76 2.41 -2.40
CA PHE B 169 -10.16 3.52 -3.24
C PHE B 169 -11.13 3.05 -4.32
N VAL B 170 -12.21 3.82 -4.52
CA VAL B 170 -13.11 3.62 -5.66
C VAL B 170 -13.37 4.96 -6.34
N SER B 171 -13.19 5.00 -7.66
CA SER B 171 -13.49 6.21 -8.42
C SER B 171 -14.99 6.48 -8.41
N LYS B 172 -15.38 7.69 -8.82
CA LYS B 172 -16.79 8.01 -8.90
C LYS B 172 -17.48 7.24 -10.02
N SER B 173 -16.73 6.80 -11.03
CA SER B 173 -17.33 5.93 -12.03
C SER B 173 -17.40 4.49 -11.54
N GLU B 174 -16.52 4.09 -10.61
CA GLU B 174 -16.63 2.77 -10.00
C GLU B 174 -17.81 2.72 -9.02
N TYR B 175 -17.99 3.77 -8.22
CA TYR B 175 -19.16 3.88 -7.35
C TYR B 175 -19.55 5.35 -7.26
N PRO B 176 -20.64 5.75 -7.92
CA PRO B 176 -20.94 7.18 -8.08
C PRO B 176 -21.73 7.85 -6.96
N TRP B 177 -22.15 7.15 -5.91
CA TRP B 177 -22.99 7.77 -4.90
C TRP B 177 -22.20 8.06 -3.63
N ASP B 178 -22.79 8.91 -2.79
CA ASP B 178 -22.13 9.47 -1.61
C ASP B 178 -21.99 8.46 -0.48
N ARG B 179 -22.84 7.45 -0.46
CA ARG B 179 -22.95 6.54 0.68
C ARG B 179 -22.93 5.10 0.19
N TYR B 180 -22.41 4.21 1.03
CA TYR B 180 -22.51 2.79 0.80
C TYR B 180 -23.81 2.28 1.42
N PRO B 181 -24.32 1.14 0.96
CA PRO B 181 -25.44 0.52 1.66
C PRO B 181 -24.96 0.02 3.01
N PRO B 182 -25.85 -0.43 3.89
CA PRO B 182 -25.41 -1.18 5.07
C PRO B 182 -24.72 -2.45 4.59
N PHE B 183 -23.61 -2.81 5.23
CA PHE B 183 -22.99 -4.09 4.94
C PHE B 183 -22.20 -4.52 6.16
N CYS B 184 -21.69 -5.74 6.10
CA CYS B 184 -20.88 -6.30 7.18
C CYS B 184 -19.44 -6.47 6.69
N SER B 185 -18.49 -6.22 7.60
CA SER B 185 -17.07 -6.35 7.28
C SER B 185 -16.79 -7.67 6.60
N GLY B 186 -16.03 -7.60 5.50
CA GLY B 186 -15.62 -8.78 4.75
C GLY B 186 -14.67 -9.70 5.48
N THR B 187 -14.10 -9.28 6.62
CA THR B 187 -13.23 -10.19 7.36
C THR B 187 -13.97 -11.46 7.78
N GLY B 188 -15.28 -11.37 8.00
CA GLY B 188 -16.03 -12.54 8.41
C GLY B 188 -17.50 -12.23 8.62
N TYR B 189 -18.37 -12.82 7.80
CA TYR B 189 -19.80 -12.63 7.99
C TYR B 189 -20.51 -13.96 7.81
N VAL B 190 -21.76 -14.02 8.32
CA VAL B 190 -22.52 -15.26 8.38
C VAL B 190 -23.93 -15.03 7.88
N PHE B 191 -24.48 -16.03 7.18
CA PHE B 191 -25.84 -15.90 6.67
C PHE B 191 -26.51 -17.27 6.60
N SER B 192 -27.84 -17.26 6.71
CA SER B 192 -28.58 -18.51 6.52
C SER B 192 -28.42 -18.99 5.07
N GLY B 193 -28.39 -20.31 4.89
CA GLY B 193 -28.06 -20.87 3.59
C GLY B 193 -28.93 -20.38 2.43
N ASP B 194 -30.22 -20.12 2.70
CA ASP B 194 -31.11 -19.63 1.64
C ASP B 194 -30.63 -18.31 1.03
N VAL B 195 -29.95 -17.49 1.83
CA VAL B 195 -29.48 -16.20 1.34
C VAL B 195 -28.51 -16.40 0.18
N ALA B 196 -27.75 -17.50 0.17
CA ALA B 196 -26.81 -17.73 -0.93
C ALA B 196 -27.54 -17.74 -2.27
N SER B 197 -28.63 -18.49 -2.34
CA SER B 197 -29.39 -18.54 -3.59
C SER B 197 -30.00 -17.19 -3.91
N GLN B 198 -30.53 -16.50 -2.89
CA GLN B 198 -31.16 -15.21 -3.21
C GLN B 198 -30.15 -14.18 -3.73
N VAL B 199 -28.97 -14.08 -3.09
CA VAL B 199 -27.94 -13.16 -3.55
C VAL B 199 -27.46 -13.54 -4.94
N TYR B 200 -27.17 -14.83 -5.15
CA TYR B 200 -26.75 -15.26 -6.48
C TYR B 200 -27.78 -14.89 -7.53
N ASN B 201 -29.07 -15.03 -7.19
CA ASN B 201 -30.14 -14.72 -8.13
C ASN B 201 -30.12 -13.25 -8.50
N VAL B 202 -29.99 -12.37 -7.50
CA VAL B 202 -30.11 -10.94 -7.77
C VAL B 202 -28.80 -10.30 -8.24
N SER B 203 -27.67 -10.99 -8.11
CA SER B 203 -26.36 -10.37 -8.28
C SER B 203 -26.19 -9.70 -9.66
N LYS B 204 -26.59 -10.38 -10.74
CA LYS B 204 -26.32 -9.78 -12.06
C LYS B 204 -27.20 -8.57 -12.38
N SER B 205 -28.19 -8.24 -11.54
CA SER B 205 -28.96 -7.03 -11.75
C SER B 205 -28.52 -5.90 -10.82
N VAL B 206 -27.57 -6.16 -9.93
CA VAL B 206 -27.09 -5.19 -8.95
C VAL B 206 -25.79 -4.57 -9.47
N PRO B 207 -25.62 -3.25 -9.35
CA PRO B 207 -24.39 -2.63 -9.84
C PRO B 207 -23.15 -3.25 -9.19
N TYR B 208 -22.18 -3.59 -10.03
CA TYR B 208 -20.94 -4.22 -9.57
C TYR B 208 -20.02 -3.23 -8.86
N ILE B 209 -19.33 -3.72 -7.84
CA ILE B 209 -18.26 -3.00 -7.16
C ILE B 209 -17.19 -4.00 -6.79
N LYS B 210 -15.92 -3.57 -6.89
CA LYS B 210 -14.82 -4.49 -6.65
C LYS B 210 -14.59 -4.78 -5.17
N LEU B 211 -15.31 -4.11 -4.27
CA LEU B 211 -15.23 -4.40 -2.84
C LEU B 211 -16.34 -5.39 -2.49
N GLU B 212 -15.96 -6.63 -2.18
CA GLU B 212 -16.93 -7.73 -2.11
C GLU B 212 -17.97 -7.52 -1.01
N ASP B 213 -17.56 -7.03 0.17
CA ASP B 213 -18.53 -6.89 1.26
C ASP B 213 -19.55 -5.80 0.94
N VAL B 214 -19.11 -4.71 0.30
CA VAL B 214 -20.06 -3.70 -0.15
C VAL B 214 -21.01 -4.30 -1.19
N PHE B 215 -20.48 -5.06 -2.13
CA PHE B 215 -21.34 -5.63 -3.16
C PHE B 215 -22.42 -6.50 -2.54
N VAL B 216 -22.03 -7.38 -1.62
CA VAL B 216 -23.02 -8.20 -0.94
C VAL B 216 -24.05 -7.33 -0.26
N GLY B 217 -23.60 -6.25 0.38
CA GLY B 217 -24.55 -5.32 0.98
C GLY B 217 -25.55 -4.77 -0.02
N LEU B 218 -25.07 -4.42 -1.22
CA LEU B 218 -25.99 -3.95 -2.27
C LEU B 218 -27.03 -5.01 -2.61
N CYS B 219 -26.60 -6.27 -2.74
CA CYS B 219 -27.54 -7.35 -3.03
C CYS B 219 -28.57 -7.51 -1.90
N LEU B 220 -28.10 -7.55 -0.66
CA LEU B 220 -29.00 -7.68 0.49
C LEU B 220 -30.01 -6.55 0.52
N GLU B 221 -29.56 -5.33 0.25
CA GLU B 221 -30.46 -4.19 0.20
C GLU B 221 -31.50 -4.38 -0.90
N ARG B 222 -31.08 -4.84 -2.08
CA ARG B 222 -32.04 -5.11 -3.14
C ARG B 222 -33.06 -6.17 -2.71
N LEU B 223 -32.62 -7.14 -1.91
CA LEU B 223 -33.49 -8.23 -1.45
C LEU B 223 -34.34 -7.86 -0.26
N ASN B 224 -34.18 -6.67 0.31
CA ASN B 224 -34.89 -6.26 1.52
C ASN B 224 -34.50 -7.13 2.71
N ILE B 225 -33.32 -7.75 2.69
CA ILE B 225 -32.81 -8.50 3.83
C ILE B 225 -32.07 -7.53 4.74
N ARG B 226 -32.58 -7.35 5.96
CA ARG B 226 -31.96 -6.40 6.86
C ARG B 226 -30.89 -7.09 7.67
N LEU B 227 -29.78 -6.39 7.91
CA LEU B 227 -28.72 -6.94 8.74
C LEU B 227 -29.18 -7.02 10.18
N GLU B 228 -28.72 -8.06 10.88
CA GLU B 228 -29.00 -8.19 12.30
C GLU B 228 -27.73 -8.55 13.06
N GLU B 229 -27.63 -8.06 14.29
CA GLU B 229 -26.55 -8.44 15.19
C GLU B 229 -26.76 -9.88 15.65
N LEU B 230 -25.66 -10.63 15.76
CA LEU B 230 -25.76 -12.03 16.18
C LEU B 230 -26.16 -12.15 17.65
N HIS B 231 -25.72 -11.21 18.47
CA HIS B 231 -25.84 -11.34 19.92
C HIS B 231 -25.92 -9.95 20.54
N SER B 232 -26.35 -9.90 21.80
CA SER B 232 -26.45 -8.63 22.52
C SER B 232 -25.09 -8.01 22.78
N GLN B 233 -24.03 -8.80 22.70
CA GLN B 233 -22.67 -8.32 22.84
C GLN B 233 -21.92 -8.49 21.53
N PRO B 234 -20.92 -7.65 21.28
CA PRO B 234 -20.13 -7.80 20.06
C PRO B 234 -19.42 -9.15 20.02
N THR B 235 -19.43 -9.78 18.85
CA THR B 235 -18.80 -11.06 18.68
C THR B 235 -17.89 -11.13 17.46
N PHE B 236 -17.92 -10.14 16.56
CA PHE B 236 -17.03 -10.08 15.41
C PHE B 236 -16.08 -8.89 15.60
N PHE B 237 -14.79 -9.10 15.37
CA PHE B 237 -13.77 -8.08 15.67
C PHE B 237 -12.80 -7.91 14.52
N PRO B 238 -13.21 -7.18 13.47
CA PRO B 238 -12.30 -6.89 12.35
C PRO B 238 -11.04 -6.14 12.77
N GLY B 239 -11.11 -5.40 13.87
CA GLY B 239 -9.98 -4.63 14.37
C GLY B 239 -9.01 -5.41 15.21
N GLY B 240 -9.30 -6.67 15.52
CA GLY B 240 -8.44 -7.50 16.33
C GLY B 240 -8.72 -7.34 17.82
N LEU B 241 -8.06 -8.19 18.62
CA LEU B 241 -8.33 -8.23 20.05
C LEU B 241 -7.09 -8.63 20.83
N ARG B 242 -7.02 -8.11 22.05
CA ARG B 242 -6.05 -8.59 23.03
C ARG B 242 -6.44 -9.99 23.48
N PHE B 243 -5.54 -10.95 23.35
CA PHE B 243 -5.92 -12.33 23.58
C PHE B 243 -6.06 -12.64 25.06
N SER B 244 -7.12 -13.38 25.38
CA SER B 244 -7.20 -14.12 26.63
C SER B 244 -8.12 -15.32 26.40
N VAL B 245 -7.83 -16.41 27.11
CA VAL B 245 -8.64 -17.62 27.01
C VAL B 245 -10.12 -17.28 27.27
N CYS B 246 -10.38 -16.54 28.35
CA CYS B 246 -11.76 -16.27 28.73
C CYS B 246 -12.46 -15.39 27.72
N LEU B 247 -11.76 -14.39 27.17
CA LEU B 247 -12.37 -13.58 26.13
C LEU B 247 -12.65 -14.39 24.87
N PHE B 248 -11.66 -15.16 24.42
CA PHE B 248 -11.84 -15.86 23.15
C PHE B 248 -12.84 -17.01 23.26
N ARG B 249 -13.19 -17.43 24.46
CA ARG B 249 -14.27 -18.41 24.56
C ARG B 249 -15.64 -17.81 24.24
N ARG B 250 -15.76 -16.48 24.29
CA ARG B 250 -17.05 -15.83 24.11
C ARG B 250 -17.00 -14.80 22.98
N ILE B 251 -16.23 -15.10 21.93
CA ILE B 251 -16.25 -14.32 20.70
C ILE B 251 -16.42 -15.29 19.54
N VAL B 252 -16.83 -14.74 18.40
CA VAL B 252 -16.99 -15.53 17.20
C VAL B 252 -15.81 -15.38 16.24
N ALA B 253 -15.34 -14.15 16.03
CA ALA B 253 -14.33 -13.96 15.00
C ALA B 253 -13.37 -12.84 15.41
N CYS B 254 -12.09 -13.08 15.23
CA CYS B 254 -11.07 -12.07 15.51
C CYS B 254 -10.07 -12.02 14.36
N HIS B 255 -9.81 -10.82 13.86
CA HIS B 255 -8.99 -10.56 12.69
C HIS B 255 -7.54 -10.27 13.13
N PHE B 256 -6.64 -10.17 12.15
CA PHE B 256 -5.22 -9.80 12.38
C PHE B 256 -4.47 -10.86 13.18
N ILE B 257 -4.65 -12.12 12.81
CA ILE B 257 -4.01 -13.23 13.50
C ILE B 257 -3.21 -14.03 12.48
N LYS B 258 -1.87 -14.04 12.62
CA LYS B 258 -1.01 -14.77 11.71
C LYS B 258 -0.97 -16.24 12.08
N PRO B 259 -0.46 -17.10 11.19
CA PRO B 259 -0.53 -18.55 11.44
C PRO B 259 0.07 -19.01 12.76
N ARG B 260 1.32 -18.62 13.05
CA ARG B 260 1.93 -19.02 14.31
C ARG B 260 1.07 -18.59 15.49
N THR B 261 0.58 -17.35 15.45
CA THR B 261 -0.27 -16.86 16.53
C THR B 261 -1.53 -17.69 16.67
N LEU B 262 -2.16 -18.03 15.54
CA LEU B 262 -3.36 -18.84 15.57
C LEU B 262 -3.09 -20.19 16.21
N LEU B 263 -1.98 -20.83 15.85
CA LEU B 263 -1.65 -22.12 16.44
C LEU B 263 -1.46 -21.98 17.94
N ASP B 264 -0.80 -20.90 18.38
CA ASP B 264 -0.62 -20.67 19.81
C ASP B 264 -1.95 -20.42 20.52
N TYR B 265 -2.85 -19.65 19.91
CA TYR B 265 -4.16 -19.41 20.53
C TYR B 265 -4.96 -20.70 20.64
N TRP B 266 -4.93 -21.51 19.58
CA TRP B 266 -5.64 -22.78 19.62
C TRP B 266 -5.09 -23.66 20.72
N GLN B 267 -3.76 -23.75 20.81
CA GLN B 267 -3.13 -24.51 21.89
C GLN B 267 -3.52 -23.96 23.25
N ALA B 268 -3.54 -22.63 23.39
CA ALA B 268 -3.95 -22.03 24.66
C ALA B 268 -5.34 -22.50 25.06
N LEU B 269 -6.27 -22.48 24.11
CA LEU B 269 -7.64 -22.88 24.40
C LEU B 269 -7.72 -24.37 24.75
N GLU B 270 -6.93 -25.20 24.07
CA GLU B 270 -6.89 -26.62 24.42
C GLU B 270 -6.35 -26.81 25.84
N ASN B 271 -5.22 -26.18 26.15
CA ASN B 271 -4.56 -26.36 27.44
C ASN B 271 -5.45 -25.92 28.60
N SER B 272 -6.29 -24.92 28.38
CA SER B 272 -7.15 -24.38 29.42
C SER B 272 -8.56 -24.93 29.37
N ARG B 273 -8.82 -25.85 28.44
CA ARG B 273 -10.11 -26.53 28.39
C ARG B 273 -10.37 -27.15 29.75
N GLY B 274 -11.51 -26.85 30.35
CA GLY B 274 -11.82 -27.38 31.66
C GLY B 274 -11.54 -26.44 32.82
N GLU B 275 -10.95 -25.28 32.57
CA GLU B 275 -10.84 -24.22 33.57
C GLU B 275 -12.08 -23.35 33.50
N ASP B 276 -12.35 -22.60 34.56
CA ASP B 276 -13.53 -21.74 34.57
C ASP B 276 -13.15 -20.28 34.29
N CYS B 277 -14.18 -19.48 34.04
CA CYS B 277 -14.09 -18.09 33.62
C CYS B 277 -15.29 -17.37 34.22
N PRO B 278 -15.14 -16.12 34.69
CA PRO B 278 -16.22 -15.42 35.40
C PRO B 278 -17.47 -15.20 34.55
C2 BGC C . 35.62 9.56 -13.56
C3 BGC C . 34.99 10.89 -13.91
C4 BGC C . 33.65 11.07 -13.21
C5 BGC C . 33.78 10.80 -11.70
C6 BGC C . 32.44 10.76 -11.00
C1 BGC C . 35.71 9.41 -12.04
O1 BGC C . 36.24 8.15 -11.73
O2 BGC C . 36.93 9.47 -14.12
O3 BGC C . 34.83 10.99 -15.33
O4 BGC C . 33.11 12.37 -13.43
O5 BGC C . 34.40 9.53 -11.47
O6 BGC C . 31.90 9.45 -10.99
C1 GAL C . 33.95 13.47 -12.98
C2 GAL C . 34.02 14.47 -14.16
C3 GAL C . 34.74 15.75 -13.80
C4 GAL C . 33.96 16.40 -12.68
C5 GAL C . 33.88 15.43 -11.48
C6 GAL C . 32.94 15.95 -10.33
O2 GAL C . 34.68 13.91 -15.29
O3 GAL C . 34.75 16.67 -14.91
O4 GAL C . 32.61 16.67 -13.13
O5 GAL C . 33.43 14.08 -11.78
O6 GAL C . 31.81 15.11 -10.12
H1 GAL C . 34.96 13.13 -12.75
H2 GAL C . 32.98 14.76 -14.37
H3 GAL C . 35.77 15.54 -13.49
H4 GAL C . 34.49 17.32 -12.37
H5 GAL C . 34.90 15.31 -11.11
H61 GAL C . 32.57 16.96 -10.56
H62 GAL C . 33.49 15.99 -9.38
HO2 GAL C . 35.40 14.51 -15.52
HO3 GAL C . 33.90 16.53 -15.40
HO6 GAL C . 32.10 14.23 -10.30
C1 GLA C . 32.20 18.05 -13.06
C2 GLA C . 30.71 18.08 -12.72
C3 GLA C . 29.88 17.59 -13.87
C4 GLA C . 30.20 18.41 -15.08
C5 GLA C . 31.68 18.32 -15.46
C6 GLA C . 32.02 19.21 -16.62
O2 GLA C . 30.44 17.24 -11.58
O3 GLA C . 28.47 17.73 -13.56
O4 GLA C . 29.94 19.78 -14.76
O5 GLA C . 32.53 18.77 -14.33
O6 GLA C . 33.39 19.00 -16.92
H1 GLA C . 32.66 18.49 -12.34
H2 GLA C . 30.47 18.99 -12.49
H3 GLA C . 30.06 16.65 -14.03
H4 GLA C . 29.65 18.11 -15.83
H5 GLA C . 31.84 17.40 -15.71
H61 GLA C . 31.86 20.13 -16.38
H62 GLA C . 31.48 18.97 -17.39
HO2 GLA C . 29.97 16.56 -11.82
HO4 GLA C . 29.21 20.02 -15.10
HO6 GLA C . 33.73 18.49 -16.32
C1 NGA C . 27.68 16.68 -14.16
C2 NGA C . 26.47 16.42 -13.28
C3 NGA C . 25.58 15.37 -13.93
C4 NGA C . 25.26 15.74 -15.39
C5 NGA C . 26.55 16.06 -16.13
C6 NGA C . 26.31 16.52 -17.57
C7 NGA C . 26.83 16.71 -10.84
C8 NGA C . 27.71 16.30 -9.68
N2 NGA C . 26.88 15.94 -11.94
O3 NGA C . 24.36 15.21 -13.20
O4 NGA C . 24.37 16.83 -15.47
O5 NGA C . 27.27 17.08 -15.46
O6 NGA C . 27.57 16.62 -18.21
O7 NGA C . 26.11 17.68 -10.72
H1 NGA C . 28.26 15.76 -14.22
H2 NGA C . 25.94 17.36 -13.15
H3 NGA C . 26.13 14.43 -13.95
H4 NGA C . 24.78 14.87 -15.84
H5 NGA C . 27.15 15.15 -16.17
H61 NGA C . 25.80 17.48 -17.59
H62 NGA C . 25.67 15.79 -18.10
H81 NGA C . 28.50 15.63 -10.06
H82 NGA C . 27.12 15.77 -8.95
HN2 NGA C . 27.19 14.99 -11.87
HO3 NGA C . 24.52 14.61 -12.43
HO4 NGA C . 24.85 17.66 -15.24
HO6 NGA C . 27.45 16.94 -19.13
C2 BGC D . -3.04 1.30 6.88
C3 BGC D . -4.39 2.00 6.73
C4 BGC D . -5.36 1.12 5.95
C5 BGC D . -5.45 -0.27 6.60
C6 BGC D . -6.30 -1.23 5.80
C1 BGC D . -3.22 -0.08 7.49
O1 BGC D . -1.98 -0.72 7.54
O2 BGC D . -2.18 2.07 7.71
O3 BGC D . -4.23 3.26 6.08
O4 BGC D . -6.64 1.72 5.84
O5 BGC D . -4.14 -0.85 6.71
O6 BGC D . -5.97 -2.59 6.10
C1 GAL D . -7.15 2.23 7.09
C2 GAL D . -8.44 3.04 6.80
C3 GAL D . -9.15 3.49 8.06
C4 GAL D . -9.56 2.22 8.80
C5 GAL D . -8.29 1.42 9.14
C6 GAL D . -8.51 0.00 9.70
O2 GAL D . -8.22 4.18 5.96
O3 GAL D . -10.32 4.20 7.74
O4 GAL D . -10.46 1.46 8.03
O5 GAL D . -7.40 1.18 8.03
O6 GAL D . -7.80 -0.94 8.89
C1 GLA D . -11.74 1.38 8.69
C2 GLA D . -12.48 0.14 8.21
C3 GLA D . -12.91 0.31 6.78
C4 GLA D . -13.74 1.55 6.62
C5 GLA D . -12.97 2.80 7.07
C6 GLA D . -13.81 4.05 6.96
O2 GLA D . -11.64 -1.02 8.36
O3 GLA D . -13.66 -0.87 6.40
O4 GLA D . -14.92 1.44 7.42
O5 GLA D . -12.51 2.65 8.46
O6 GLA D . -12.97 5.16 7.15
H1 GLA D . -11.61 1.26 9.64
H2 GLA D . -13.27 -0.02 8.76
H3 GLA D . -12.15 0.39 6.19
H4 GLA D . -14.00 1.64 5.70
H5 GLA D . -12.22 2.92 6.46
H61 GLA D . -14.50 4.03 7.65
H62 GLA D . -14.22 4.09 6.09
HO2 GLA D . -11.43 -1.32 7.59
HO4 GLA D . -14.78 1.75 8.19
HO6 GLA D . -13.43 5.88 7.11
C1 NGA D . -13.36 -1.25 5.05
C2 NGA D . -13.56 -2.77 4.93
C3 NGA D . -13.30 -3.18 3.48
C4 NGA D . -14.13 -2.36 2.50
C5 NGA D . -13.91 -0.87 2.80
C6 NGA D . -14.79 0.01 1.90
C7 NGA D . -13.03 -4.00 7.00
C8 NGA D . -11.94 -4.24 7.99
N2 NGA D . -12.66 -3.48 5.82
O3 NGA D . -13.49 -4.57 3.32
O4 NGA D . -15.51 -2.65 2.65
O5 NGA D . -14.22 -0.59 4.14
O6 NGA D . -14.48 1.39 2.04
O7 NGA D . -14.20 -4.25 7.30
H1 NGA D . -12.33 -1.02 4.81
H2 NGA D . -14.58 -3.00 5.22
H3 NGA D . -12.26 -2.94 3.25
H4 NGA D . -13.81 -2.61 1.49
H5 NGA D . -12.87 -0.64 2.58
H61 NGA D . -15.84 -0.15 2.17
H62 NGA D . -14.66 -0.28 0.86
H81 NGA D . -11.07 -3.65 7.72
H82 NGA D . -11.68 -5.30 7.98
H83 NGA D . -12.26 -3.93 8.98
HN2 NGA D . -11.69 -3.58 5.53
HO3 NGA D . -14.07 -4.90 4.03
HO4 NGA D . -15.85 -2.23 3.45
HO6 NGA D . -13.91 1.51 2.82
C1 NAG E . 13.75 2.33 -19.00
C2 NAG E . 14.62 1.37 -19.80
C3 NAG E . 13.86 0.87 -21.04
C4 NAG E . 12.49 0.32 -20.66
C5 NAG E . 11.73 1.35 -19.84
C6 NAG E . 10.42 0.84 -19.31
C7 NAG E . 17.07 1.55 -20.02
C8 NAG E . 18.21 2.38 -20.55
N2 NAG E . 15.84 2.04 -20.22
O3 NAG E . 14.64 -0.15 -21.67
O4 NAG E . 11.74 0.03 -21.84
O5 NAG E . 12.51 1.69 -18.67
O6 NAG E . 10.65 -0.17 -18.33
O7 NAG E . 17.26 0.49 -19.42
H1 NAG E . 13.57 3.12 -19.54
H2 NAG E . 14.84 0.60 -19.24
H3 NAG E . 13.73 1.61 -21.65
H4 NAG E . 12.60 -0.50 -20.13
H5 NAG E . 11.58 2.14 -20.38
H61 NAG E . 9.90 0.47 -20.04
H62 NAG E . 9.92 1.57 -18.90
H81 NAG E . 18.14 2.43 -21.52
H82 NAG E . 19.05 1.96 -20.31
H83 NAG E . 18.16 3.27 -20.17
HN2 NAG E . 15.77 2.85 -20.64
HO3 NAG E . 14.40 -0.94 -21.34
HO6 NAG E . 10.78 -0.95 -18.73
C1 NAG E . 11.28 -1.35 -21.84
C2 NAG E . 10.30 -1.57 -22.99
C3 NAG E . 9.94 -3.06 -23.12
C4 NAG E . 11.17 -3.96 -23.11
C5 NAG E . 12.03 -3.63 -21.90
C6 NAG E . 13.33 -4.40 -21.84
C7 NAG E . 9.01 0.53 -22.90
C8 NAG E . 7.68 1.15 -22.61
N2 NAG E . 9.08 -0.80 -22.77
O3 NAG E . 9.22 -3.26 -24.34
O4 NAG E . 10.76 -5.32 -23.04
O5 NAG E . 12.38 -2.24 -21.95
O6 NAG E . 14.18 -3.85 -20.84
O7 NAG E . 9.97 1.20 -23.25
H1 NAG E . 10.79 -1.52 -21.00
H2 NAG E . 10.72 -1.29 -23.83
H3 NAG E . 9.39 -3.29 -22.36
H4 NAG E . 11.69 -3.82 -23.92
H5 NAG E . 11.53 -3.82 -21.09
H61 NAG E . 13.78 -4.36 -22.71
H62 NAG E . 13.14 -5.34 -21.63
H81 NAG E . 7.16 1.20 -23.43
H82 NAG E . 7.81 2.05 -22.25
H83 NAG E . 7.20 0.60 -21.96
HN2 NAG E . 8.33 -1.25 -22.51
HO3 NAG E . 9.70 -2.92 -25.00
HO4 NAG E . 9.87 -5.36 -23.07
HO6 NAG E . 13.84 -3.08 -20.58
C1 NAG F . 11.43 39.36 2.12
C2 NAG F . 12.77 40.08 1.98
C3 NAG F . 13.24 40.59 3.35
C4 NAG F . 12.14 41.39 4.03
C5 NAG F . 10.79 40.66 4.00
C6 NAG F . 9.64 41.52 4.47
C7 NAG F . 14.61 39.61 0.44
C8 NAG F . 15.60 38.59 -0.04
N2 NAG F . 13.77 39.21 1.40
O3 NAG F . 14.40 41.39 3.18
O4 NAG F . 12.53 41.56 5.40
O5 NAG F . 10.47 40.24 2.66
O6 NAG F . 9.57 42.75 3.77
O7 NAG F . 14.58 40.74 -0.03
H1 NAG F . 11.54 38.59 2.70
H2 NAG F . 12.64 40.85 1.40
H3 NAG F . 13.45 39.82 3.92
H4 NAG F . 12.02 42.25 3.59
H5 NAG F . 10.87 39.86 4.56
H61 NAG F . 9.75 41.70 5.42
H62 NAG F . 8.81 41.02 4.33
H81 NAG F . 16.14 38.28 0.72
H82 NAG F . 16.18 38.99 -0.71
H83 NAG F . 15.12 37.84 -0.42
HN2 NAG F . 13.85 38.35 1.71
HO3 NAG F . 14.31 42.13 3.65
C1 NAG F . 12.32 42.90 5.91
C2 NAG F . 12.74 42.93 7.36
C3 NAG F . 12.46 44.31 7.94
C4 NAG F . 13.25 45.36 7.15
C5 NAG F . 12.98 45.23 5.65
C6 NAG F . 13.97 46.02 4.82
C7 NAG F . 10.87 41.62 8.40
C8 NAG F . 9.89 42.56 7.76
N2 NAG F . 12.17 41.86 8.18
O3 NAG F . 12.81 44.37 9.32
O4 NAG F . 12.93 46.68 7.58
O5 NAG F . 13.09 43.87 5.18
O6 NAG F . 15.24 45.38 4.77
O7 NAG F . 10.50 40.70 9.12
H1 NAG F . 11.38 43.13 5.84
H2 NAG F . 13.71 42.77 7.39
H3 NAG F . 11.50 44.49 7.87
H4 NAG F . 14.19 45.19 7.33
H5 NAG F . 12.07 45.53 5.49
H61 NAG F . 14.08 46.91 5.22
H62 NAG F . 13.63 46.12 3.91
H81 NAG F . 9.84 43.38 8.27
H82 NAG F . 9.01 42.14 7.75
H83 NAG F . 10.18 42.75 6.84
HN2 NAG F . 12.76 41.29 8.58
HO3 NAG F . 13.67 44.17 9.39
HO4 NAG F . 12.18 46.94 7.18
HO6 NAG F . 15.16 44.53 4.98
C1 FUC F . 8.19 43.08 3.51
C2 FUC F . 8.25 44.43 2.81
C3 FUC F . 9.01 44.26 1.48
C4 FUC F . 8.32 43.20 0.58
C5 FUC F . 8.14 41.88 1.38
C6 FUC F . 7.28 40.84 0.66
O2 FUC F . 8.84 45.42 3.65
O3 FUC F . 9.09 45.49 0.74
O4 FUC F . 7.04 43.66 0.14
O5 FUC F . 7.55 42.11 2.69
C1 NAG G . -9.96 -10.73 -12.50
C2 NAG G . -8.78 -9.92 -13.11
C3 NAG G . -8.87 -9.87 -14.62
C4 NAG G . -9.01 -11.28 -15.16
C5 NAG G . -10.18 -11.99 -14.50
C6 NAG G . -10.34 -13.41 -14.96
C7 NAG G . -7.62 -7.83 -12.51
C8 NAG G . -7.76 -6.50 -11.89
N2 NAG G . -8.73 -8.58 -12.54
O3 NAG G . -7.73 -9.21 -15.15
O4 NAG G . -9.31 -11.21 -16.55
O5 NAG G . -9.98 -12.02 -13.08
O6 NAG G . -9.11 -14.09 -15.21
O7 NAG G . -6.56 -8.20 -12.98
H1 NAG G . -10.79 -10.27 -12.71
H2 NAG G . -7.95 -10.39 -12.87
H3 NAG G . -9.66 -9.35 -14.88
H4 NAG G . -8.18 -11.77 -15.01
H5 NAG G . -11.00 -11.50 -14.68
H61 NAG G . -10.86 -13.41 -15.79
H62 NAG G . -10.83 -13.91 -14.29
H81 NAG G . -7.33 -5.83 -12.46
H82 NAG G . -7.34 -6.51 -11.01
H83 NAG G . -8.71 -6.30 -11.80
HN2 NAG G . -9.49 -8.23 -12.19
HO3 NAG G . -6.98 -9.47 -14.76
HO6 NAG G . -8.47 -13.81 -14.66
C1 NAG G . -8.24 -11.01 -17.50
C2 NAG G . -7.29 -12.22 -17.63
C3 NAG G . -7.67 -13.07 -18.83
C4 NAG G . -9.19 -13.12 -18.92
C5 NAG G . -9.72 -11.74 -19.30
C6 NAG G . -11.10 -11.48 -18.74
C7 NAG G . -5.07 -11.80 -16.67
C8 NAG G . -3.69 -11.32 -16.95
N2 NAG G . -5.90 -11.80 -17.72
O3 NAG G . -7.13 -14.37 -18.66
O4 NAG G . -9.59 -14.07 -19.89
O5 NAG G . -8.86 -10.71 -18.78
O6 NAG G . -11.26 -10.13 -18.35
O7 NAG G . -5.41 -12.18 -15.56
H1 NAG G . -7.65 -10.30 -17.17
H2 NAG G . -7.40 -12.77 -16.83
H3 NAG G . -7.31 -12.68 -19.65
H4 NAG G . -9.57 -13.38 -18.06
H5 NAG G . -9.74 -11.67 -20.28
H61 NAG G . -11.24 -12.06 -17.96
H62 NAG G . -11.77 -11.70 -19.42
H81 NAG G . -3.73 -10.45 -17.41
H82 NAG G . -3.22 -11.96 -17.51
H83 NAG G . -3.21 -11.22 -16.10
HN2 NAG G . -5.59 -11.51 -18.53
HO3 NAG G . -7.36 -14.71 -17.88
HO4 NAG G . -8.90 -14.60 -20.11
HO6 NAG G . -10.95 -10.01 -17.52
C1 NAG H . -37.49 -20.61 16.66
C2 NAG H . -37.85 -21.15 18.06
C3 NAG H . -39.27 -21.69 18.08
C4 NAG H . -40.25 -20.66 17.56
C5 NAG H . -39.82 -20.27 16.15
C6 NAG H . -40.70 -19.21 15.54
C7 NAG H . -35.92 -22.04 19.34
C8 NAG H . -35.75 -20.68 19.96
N2 NAG H . -36.91 -22.18 18.45
O3 NAG H . -39.63 -22.09 19.40
O4 NAG H . -41.54 -21.26 17.58
O5 NAG H . -38.50 -19.71 16.21
O6 NAG H . -40.53 -17.98 16.25
O7 NAG H . -35.17 -22.96 19.62
H1 NAG H . -37.44 -21.35 16.03
H2 NAG H . -37.80 -20.40 18.69
H3 NAG H . -39.30 -22.49 17.50
H4 NAG H . -40.28 -19.85 18.10
H5 NAG H . -39.83 -21.06 15.58
H61 NAG H . -41.63 -19.49 15.59
H62 NAG H . -40.45 -19.07 14.61
H81 NAG H . -36.53 -20.48 20.52
H82 NAG H . -35.69 -20.01 19.26
H83 NAG H . -34.95 -20.66 20.50
HN2 NAG H . -37.01 -23.01 18.07
HO3 NAG H . -40.29 -21.56 19.69
C1 NAG H . -42.55 -20.30 17.99
C2 NAG H . -43.89 -21.08 18.01
C3 NAG H . -45.03 -20.17 18.45
C4 NAG H . -44.66 -19.37 19.70
C5 NAG H . -43.31 -18.71 19.51
C6 NAG H . -42.84 -17.89 20.69
C7 NAG H . -43.76 -22.86 16.31
C8 NAG H . -44.14 -23.26 14.91
N2 NAG H . -44.17 -21.66 16.70
O3 NAG H . -46.19 -20.96 18.71
O4 NAG H . -45.61 -18.33 19.91
O5 NAG H . -42.32 -19.72 19.26
O6 NAG H . -43.07 -18.57 21.91
O7 NAG H . -43.11 -23.61 17.04
H1 NAG H . -42.58 -19.56 17.35
H2 NAG H . -43.81 -21.81 18.66
H3 NAG H . -45.22 -19.54 17.73
H4 NAG H . -44.66 -19.97 20.46
H5 NAG H . -43.35 -18.11 18.74
H61 NAG H . -43.33 -17.04 20.70
H62 NAG H . -41.89 -17.70 20.59
H81 NAG H . -43.95 -22.52 14.29
H82 NAG H . -45.10 -23.47 14.88
H83 NAG H . -43.63 -24.05 14.64
HN2 NAG H . -44.65 -21.15 16.11
HO3 NAG H . -46.71 -20.56 19.31
HO6 NAG H . -42.59 -19.32 21.90
C1 BMA H . -46.41 -18.42 21.09
C2 BMA H . -46.71 -16.99 21.54
C3 BMA H . -47.65 -17.03 22.71
C4 BMA H . -48.90 -17.88 22.39
C5 BMA H . -48.50 -19.27 21.88
C6 BMA H . -49.70 -20.03 21.37
O2 BMA H . -47.35 -16.30 20.47
O3 BMA H . -48.08 -15.74 23.09
O4 BMA H . -49.74 -18.03 23.51
O5 BMA H . -47.61 -19.09 20.77
O6 BMA H . -50.40 -19.16 20.48
H1 BMA H . -45.87 -18.95 21.89
H2 BMA H . -45.79 -16.46 21.85
H3 BMA H . -47.13 -17.48 23.58
H4 BMA H . -49.42 -17.35 21.58
H5 BMA H . -48.01 -19.83 22.68
H61 BMA H . -50.31 -20.33 22.23
H62 BMA H . -49.34 -20.94 20.86
HO2 BMA H . -47.90 -15.61 20.87
HO4 BMA H . -49.21 -18.50 24.17
C1 MAN H . -47.33 -15.18 24.19
C2 MAN H . -48.24 -14.03 24.72
C3 MAN H . -48.34 -12.97 23.61
C4 MAN H . -46.93 -12.55 23.16
C5 MAN H . -46.06 -13.76 22.73
C6 MAN H . -44.62 -13.36 22.44
O2 MAN H . -47.70 -13.36 25.85
O3 MAN H . -49.09 -11.82 23.98
O4 MAN H . -46.99 -11.63 22.08
O5 MAN H . -46.05 -14.73 23.79
O6 MAN H . -43.81 -14.53 22.32
H1 MAN H . -47.09 -15.92 24.96
H2 MAN H . -49.22 -14.43 25.00
H3 MAN H . -48.89 -13.41 22.76
H4 MAN H . -46.46 -12.10 24.06
H5 MAN H . -46.50 -14.21 21.83
H61 MAN H . -44.27 -12.71 23.26
H62 MAN H . -44.61 -12.78 21.50
HO2 MAN H . -48.01 -12.46 25.85
HO3 MAN H . -48.44 -11.10 24.06
HO4 MAN H . -47.31 -12.13 21.32
HO6 MAN H . -44.38 -15.29 22.46
C1 MAN H . -51.54 -19.82 19.89
C2 MAN H . -52.14 -18.89 18.80
C3 MAN H . -52.73 -17.65 19.48
C4 MAN H . -53.67 -17.99 20.62
C5 MAN H . -53.00 -18.97 21.61
C6 MAN H . -53.98 -19.51 22.63
O2 MAN H . -53.20 -19.53 18.12
O3 MAN H . -53.42 -16.80 18.57
O4 MAN H . -54.07 -16.78 21.29
O5 MAN H . -52.49 -20.12 20.88
O6 MAN H . -54.78 -20.52 21.98
H1 MAN H . -51.23 -20.78 19.44
H2 MAN H . -51.37 -18.59 18.08
H3 MAN H . -51.89 -17.08 19.91
H4 MAN H . -54.55 -18.53 20.20
H5 MAN H . -52.16 -18.46 22.12
H61 MAN H . -54.59 -18.67 23.00
H62 MAN H . -53.41 -19.92 23.48
HO2 MAN H . -53.84 -18.86 17.91
HO3 MAN H . -54.34 -16.75 18.88
HO4 MAN H . -53.28 -16.44 21.75
HO6 MAN H . -54.45 -20.63 21.08
C1 FUC H . -41.50 -16.98 15.84
C2 FUC H . -41.38 -15.83 16.83
C3 FUC H . -39.98 -15.20 16.72
C4 FUC H . -39.71 -14.77 15.27
C5 FUC H . -39.93 -15.97 14.31
C6 FUC H . -39.86 -15.62 12.82
O2 FUC H . -41.68 -16.23 18.17
O3 FUC H . -39.85 -14.06 17.57
O4 FUC H . -40.57 -13.70 14.91
O5 FUC H . -41.22 -16.57 14.51
H1 FUC H . -42.53 -17.37 15.80
H2 FUC H . -42.13 -15.05 16.59
H3 FUC H . -39.23 -15.95 17.03
H4 FUC H . -38.66 -14.45 15.17
H5 FUC H . -39.13 -16.68 14.56
H61 FUC H . -40.84 -15.27 12.48
H62 FUC H . -39.57 -16.50 12.25
H63 FUC H . -39.12 -14.83 12.66
HO2 FUC H . -41.30 -17.12 18.25
HO3 FUC H . -40.33 -13.35 17.13
HO4 FUC H . -41.39 -14.13 14.60
MN MN I . 25.17 10.73 -5.70
N1 UDP J . 19.78 5.92 -8.59
C2 UDP J . 18.52 5.35 -8.74
N3 UDP J . 18.47 4.23 -9.55
C4 UDP J . 19.55 3.65 -10.20
C5 UDP J . 20.80 4.30 -10.00
C6 UDP J . 20.89 5.39 -9.21
O2 UDP J . 17.50 5.79 -8.20
O4 UDP J . 19.36 2.65 -10.90
C1' UDP J . 19.91 7.11 -7.72
C2' UDP J . 21.01 6.97 -6.67
O2' UDP J . 20.58 6.34 -5.48
C3' UDP J . 21.34 8.45 -6.42
C4' UDP J . 21.21 9.06 -7.82
O4' UDP J . 20.30 8.20 -8.55
O3' UDP J . 20.40 9.01 -5.52
C5' UDP J . 22.51 9.17 -8.58
O5' UDP J . 23.24 7.93 -8.43
PA UDP J . 24.70 7.92 -7.81
O1A UDP J . 25.15 6.51 -7.78
O2A UDP J . 24.71 8.66 -6.47
O3A UDP J . 25.58 8.78 -8.84
PB UDP J . 26.75 9.78 -8.46
O1B UDP J . 27.85 8.85 -7.96
O2B UDP J . 27.16 10.36 -9.82
O3B UDP J . 26.32 10.79 -7.41
HN3 UDP J . 17.71 3.86 -9.66
H5 UDP J . 21.57 3.97 -10.42
H6 UDP J . 21.71 5.79 -9.09
H1' UDP J . 19.06 7.30 -7.30
H2' UDP J . 21.76 6.48 -7.06
HO2' UDP J . 19.80 6.63 -5.28
H3' UDP J . 22.25 8.56 -6.11
H4' UDP J . 20.81 9.94 -7.74
HO3' UDP J . 20.30 8.50 -4.84
H5'1 UDP J . 22.33 9.33 -9.52
H5'2 UDP J . 23.04 9.91 -8.22
C1 B3P K . 19.96 24.60 -29.83
C2 B3P K . 20.68 24.54 -28.45
C3 B3P K . 18.51 24.03 -29.83
N1 B3P K . 17.62 24.92 -29.10
C4 B3P K . 16.21 24.47 -29.13
C5 B3P K . 15.63 24.52 -30.58
C6 B3P K . 15.44 25.41 -28.20
C7 B3P K . 16.05 23.01 -28.68
N2 B3P K . 20.03 25.47 -27.51
C8 B3P K . 20.39 25.27 -26.08
C9 B3P K . 19.98 26.62 -25.43
C10 B3P K . 21.89 25.02 -25.91
C11 B3P K . 19.56 24.15 -25.51
O1 B3P K . 20.25 26.63 -24.03
O2 B3P K . 22.61 26.08 -26.48
O3 B3P K . 18.21 24.41 -25.83
O4 B3P K . 15.82 25.79 -31.16
O5 B3P K . 14.07 25.15 -28.22
O6 B3P K . 16.53 22.82 -27.37
H11 B3P K . 20.49 24.09 -30.46
H12 B3P K . 19.92 25.52 -30.11
H21 B3P K . 21.60 24.79 -28.56
H22 B3P K . 20.62 23.64 -28.10
H31 B3P K . 18.21 23.92 -30.74
H32 B3P K . 18.52 23.15 -29.40
HN1 B3P K . 17.65 25.73 -29.48
H51 B3P K . 16.08 23.85 -31.12
H52 B3P K . 14.68 24.32 -30.55
H61 B3P K . 15.60 26.33 -28.47
H62 B3P K . 15.77 25.29 -27.29
H71 B3P K . 15.12 22.77 -28.71
H72 B3P K . 16.56 22.44 -29.27
HN2 B3P K . 20.29 26.29 -27.74
H91 B3P K . 19.03 26.76 -25.56
H92 B3P K . 20.48 27.34 -25.84
H101 B3P K . 22.10 24.96 -24.97
H102 B3P K . 22.13 24.19 -26.35
H111 B3P K . 19.84 23.30 -25.91
H112 B3P K . 19.66 24.10 -24.55
HO1 B3P K . 21.06 26.87 -23.92
HO2 B3P K . 23.45 25.88 -26.50
HO3 B3P K . 17.76 24.54 -25.11
HO4 B3P K . 15.23 26.32 -30.88
HO5 B3P K . 13.67 25.74 -28.70
HO6 B3P K . 17.35 22.62 -27.38
MN MN L . -7.32 -10.01 6.61
N1 UDP M . -7.08 -12.55 -0.53
C2 UDP M . -7.06 -13.52 -1.52
N3 UDP M . -6.42 -13.16 -2.68
C4 UDP M . -5.81 -11.94 -2.93
C5 UDP M . -5.87 -10.99 -1.87
C6 UDP M . -6.49 -11.32 -0.72
O2 UDP M . -7.57 -14.63 -1.38
O4 UDP M . -5.27 -11.75 -4.04
C1' UDP M . -7.74 -12.89 0.74
C2' UDP M . -6.82 -12.77 1.96
O2' UDP M . -6.18 -14.00 2.26
C3' UDP M . -7.81 -12.36 3.05
C4' UDP M . -8.74 -11.42 2.28
O4' UDP M . -8.81 -11.96 0.95
O3' UDP M . -8.50 -13.48 3.58
C5' UDP M . -8.30 -9.98 2.21
O5' UDP M . -7.62 -9.63 3.44
PA UDP M . -6.06 -9.34 3.48
O1A UDP M . -5.53 -9.65 2.12
O2A UDP M . -5.40 -10.07 4.65
O3A UDP M . -5.95 -7.78 3.79
PB UDP M . -6.67 -7.00 4.97
O1B UDP M . -5.50 -6.60 5.87
O2B UDP M . -7.27 -5.77 4.27
O3B UDP M . -7.68 -7.85 5.67
HN3 UDP M . -6.40 -13.75 -3.30
H5 UDP M . -5.50 -10.15 -1.97
H6 UDP M . -6.54 -10.69 -0.03
H1' UDP M . -8.11 -13.78 0.70
H2' UDP M . -6.15 -12.07 1.80
HO2' UDP M . -5.79 -14.29 1.56
H3' UDP M . -7.36 -11.87 3.76
H4' UDP M . -9.63 -11.46 2.69
HO3' UDP M . -8.11 -14.20 3.32
H5'1 UDP M . -7.68 -9.87 1.46
H5'2 UDP M . -9.06 -9.40 2.09
C1 B3P N . -28.40 5.59 -4.68
C2 B3P N . -27.54 4.89 -3.57
C3 B3P N . -29.41 4.58 -5.31
N1 B3P N . -28.75 3.30 -5.57
C4 B3P N . -29.63 2.23 -6.10
C5 B3P N . -28.69 1.09 -6.52
C6 B3P N . -30.40 2.68 -7.34
C7 B3P N . -30.59 1.67 -5.06
N2 B3P N . -28.46 4.49 -2.48
C8 B3P N . -27.86 3.46 -1.60
C9 B3P N . -26.59 4.04 -0.96
C10 B3P N . -28.84 3.17 -0.46
C11 B3P N . -27.67 2.20 -2.46
O1 B3P N . -26.95 5.32 -0.48
O2 B3P N . -28.20 2.40 0.54
O3 B3P N . -26.77 1.33 -1.84
O4 B3P N . -27.82 0.79 -5.47
O5 B3P N . -31.61 3.28 -6.98
O6 B3P N . -31.32 0.64 -5.72
H11 B3P N . -27.81 5.92 -5.38
H12 B3P N . -28.88 6.33 -4.30
H21 B3P N . -26.87 5.52 -3.24
H22 B3P N . -27.09 4.11 -3.94
H31 B3P N . -30.15 4.44 -4.68
H32 B3P N . -29.76 4.94 -6.13
HN1 B3P N . -28.13 3.45 -6.19
H51 B3P N . -29.21 0.30 -6.75
H52 B3P N . -28.18 1.37 -7.30
H61 B3P N . -30.59 1.90 -7.90
H62 B3P N . -29.86 3.31 -7.84
H71 B3P N . -30.12 1.30 -4.30
H72 B3P N . -31.21 2.36 -4.76
HN2 B3P N . -29.19 4.15 -2.86
H91 B3P N . -25.88 4.11 -1.62
H92 B3P N . -26.30 3.47 -0.23
H101 B3P N . -29.15 4.00 -0.08
H102 B3P N . -29.60 2.67 -0.81
H111 B3P N . -28.53 1.76 -2.57
H112 B3P N . -27.32 2.46 -3.33
HO1 B3P N . -26.39 5.89 -0.77
HO2 B3P N . -28.12 2.87 1.25
HO3 B3P N . -26.02 1.38 -2.21
HO4 B3P N . -28.05 0.05 -5.11
HO5 B3P N . -32.25 2.87 -7.36
HO6 B3P N . -32.14 0.86 -5.77
C1 NAG O . -33.89 -16.02 -10.29
C2 NAG O . -35.08 -15.04 -10.31
C3 NAG O . -36.10 -15.47 -11.37
C4 NAG O . -35.40 -15.64 -12.73
C5 NAG O . -34.18 -16.55 -12.60
C6 NAG O . -33.38 -16.64 -13.88
C7 NAG O . -36.55 -13.98 -8.64
C8 NAG O . -37.13 -14.07 -7.26
N2 NAG O . -35.73 -14.97 -9.00
O3 NAG O . -37.13 -14.51 -11.48
O4 NAG O . -36.31 -16.22 -13.66
O5 NAG O . -33.30 -16.05 -11.59
O6 NAG O . -33.68 -17.82 -14.60
O7 NAG O . -36.83 -13.04 -9.40
H1 NAG O . -34.20 -16.90 -10.05
H2 NAG O . -34.76 -14.15 -10.53
H3 NAG O . -36.48 -16.33 -11.10
H4 NAG O . -35.12 -14.77 -13.04
H5 NAG O . -34.48 -17.45 -12.35
H61 NAG O . -32.43 -16.63 -13.66
H62 NAG O . -33.59 -15.87 -14.43
H81 NAG O . -36.42 -14.29 -6.63
H82 NAG O . -37.82 -14.75 -7.23
H83 NAG O . -37.52 -13.21 -7.01
HN2 NAG O . -35.57 -15.64 -8.40
HO3 NAG O . -36.78 -13.71 -11.60
HO4 NAG O . -36.40 -17.09 -13.48
HO6 NAG O . -34.54 -18.01 -14.51
#